data_4E69
#
_entry.id   4E69
#
_cell.length_a   58.249
_cell.length_b   76.306
_cell.length_c   76.245
_cell.angle_alpha   90.000
_cell.angle_beta   105.800
_cell.angle_gamma   90.000
#
_symmetry.space_group_name_H-M   'P 1 21 1'
#
loop_
_entity.id
_entity.type
_entity.pdbx_description
1 polymer 2-dehydro-3-deoxygluconokinase
2 non-polymer 'CHLORIDE ION'
3 non-polymer 1,2-ETHANEDIOL
4 non-polymer GLYCEROL
5 water water
#
_entity_poly.entity_id   1
_entity_poly.type   'polypeptide(L)'
_entity_poly.pdbx_seq_one_letter_code
;MHHHHHHSSGVDLGTENLYFQSMMHILSIGECMAELAPADLPGTYRLGFAGDTFNTAWYLARLRPESRISYFSAIGDDAL
SQQMRAAMSAAGIDGGGLRVIPGRTVGLYLITLEQGERSFAYWRGQSAARELAGDADALAAAMARADVVYFSGITLAILD
QCGRATLLRALAQARATGRTIAFDPNLRPRLWAGTGEMTETIMQGAAVSDIALPSFEDEAAWFGDAGPDATADRYARAGV
RSVVVKNGPHAVHFLQDGRRGRVPVPPVAQVVDTTAAGDSFNAGLLDSVLAGQPLETAIAAAAALAGQVVQGKGALVEVP
SLRPHADA
;
_entity_poly.pdbx_strand_id   A,B
#
loop_
_chem_comp.id
_chem_comp.type
_chem_comp.name
_chem_comp.formula
CL non-polymer 'CHLORIDE ION' 'Cl -1'
EDO non-polymer 1,2-ETHANEDIOL 'C2 H6 O2'
GOL non-polymer GLYCEROL 'C3 H8 O3'
#
# COMPACT_ATOMS: atom_id res chain seq x y z
N GLY A 10 21.66 13.23 17.18
CA GLY A 10 20.54 12.34 17.35
C GLY A 10 20.80 11.25 18.37
N VAL A 11 20.81 10.00 17.91
CA VAL A 11 21.02 8.84 18.79
C VAL A 11 22.48 8.70 19.19
N ASP A 12 22.74 8.64 20.49
CA ASP A 12 24.08 8.45 21.03
C ASP A 12 24.57 7.03 20.76
N LEU A 13 25.72 6.89 20.08
CA LEU A 13 26.23 5.56 19.79
C LEU A 13 27.39 5.23 20.72
N GLY A 14 27.71 6.15 21.62
CA GLY A 14 28.77 5.93 22.58
C GLY A 14 30.14 5.97 21.92
N THR A 15 31.10 5.29 22.53
CA THR A 15 32.47 5.26 22.02
C THR A 15 32.93 3.83 21.88
N GLU A 16 34.15 3.66 21.36
CA GLU A 16 34.71 2.33 21.27
C GLU A 16 36.23 2.40 21.18
N ASN A 17 36.87 1.30 21.54
CA ASN A 17 38.25 1.06 21.15
C ASN A 17 38.24 -0.19 20.28
N LEU A 18 39.42 -0.76 20.00
CA LEU A 18 39.49 -1.95 19.15
C LEU A 18 38.80 -3.16 19.77
N TYR A 19 38.64 -3.13 21.09
CA TYR A 19 38.32 -4.33 21.85
C TYR A 19 36.90 -4.31 22.40
N PHE A 20 36.47 -3.15 22.89
CA PHE A 20 35.15 -3.01 23.47
C PHE A 20 34.44 -1.74 23.06
N GLN A 21 33.12 -1.77 23.06
CA GLN A 21 32.32 -0.58 22.85
C GLN A 21 31.75 -0.15 24.21
N SER A 22 31.46 1.15 24.37
CA SER A 22 30.98 1.63 25.66
C SER A 22 29.54 1.17 25.91
N MET A 23 28.83 0.86 24.84
CA MET A 23 27.46 0.38 24.96
C MET A 23 27.31 -1.07 24.51
N MET A 24 26.49 -1.84 25.23
N MET A 24 26.47 -1.82 25.21
CA MET A 24 26.02 -3.11 24.70
CA MET A 24 25.96 -3.10 24.70
C MET A 24 25.29 -2.83 23.39
C MET A 24 25.30 -2.81 23.37
N HIS A 25 25.43 -3.73 22.43
CA HIS A 25 24.99 -3.47 21.06
C HIS A 25 24.11 -4.60 20.53
N ILE A 26 22.86 -4.30 20.25
N ILE A 26 22.84 -4.33 20.27
CA ILE A 26 22.01 -5.31 19.63
CA ILE A 26 21.96 -5.30 19.65
C ILE A 26 21.48 -4.79 18.31
C ILE A 26 21.47 -4.79 18.30
N LEU A 27 21.60 -5.63 17.28
CA LEU A 27 21.12 -5.31 15.95
C LEU A 27 19.88 -6.12 15.66
N SER A 28 18.82 -5.44 15.24
CA SER A 28 17.61 -6.13 14.76
C SER A 28 17.50 -5.93 13.25
N ILE A 29 17.22 -7.01 12.52
CA ILE A 29 17.18 -6.97 11.06
C ILE A 29 15.81 -7.39 10.55
N GLY A 30 15.17 -6.54 9.76
CA GLY A 30 13.87 -6.90 9.23
C GLY A 30 13.16 -5.75 8.58
N GLU A 31 11.82 -5.84 8.55
CA GLU A 31 11.03 -4.78 7.94
C GLU A 31 10.29 -3.93 8.96
N CYS A 32 10.56 -2.63 8.95
CA CYS A 32 9.72 -1.68 9.66
C CYS A 32 8.60 -1.25 8.72
N MET A 33 7.38 -1.32 9.22
CA MET A 33 6.19 -0.99 8.44
C MET A 33 5.62 0.36 8.85
N ALA A 34 5.22 1.17 7.88
CA ALA A 34 4.37 2.30 8.18
C ALA A 34 3.05 1.74 8.67
N GLU A 35 2.39 2.44 9.57
CA GLU A 35 1.12 1.93 10.07
C GLU A 35 0.13 3.04 10.32
N LEU A 36 -1.07 2.88 9.75
CA LEU A 36 -2.16 3.80 10.02
C LEU A 36 -3.14 3.11 10.97
N ALA A 37 -3.31 3.68 12.14
CA ALA A 37 -4.14 3.09 13.18
C ALA A 37 -5.21 4.08 13.58
N PRO A 38 -6.37 3.58 14.00
CA PRO A 38 -7.47 4.47 14.36
C PRO A 38 -7.07 5.56 15.34
N ALA A 39 -7.51 6.78 15.03
CA ALA A 39 -7.32 7.93 15.89
C ALA A 39 -8.67 8.20 16.55
N ASP A 40 -8.81 9.35 17.19
CA ASP A 40 -10.03 9.69 17.92
C ASP A 40 -11.09 10.26 17.01
N LEU A 41 -10.77 11.43 16.46
CA LEU A 41 -11.66 12.14 15.56
C LEU A 41 -12.06 11.20 14.44
N PRO A 42 -13.37 10.97 14.32
CA PRO A 42 -13.98 9.98 13.43
C PRO A 42 -13.47 10.01 11.99
N GLY A 43 -13.24 8.83 11.43
CA GLY A 43 -12.72 8.69 10.09
C GLY A 43 -11.24 9.00 9.93
N THR A 44 -10.55 9.25 11.05
CA THR A 44 -9.14 9.61 10.98
C THR A 44 -8.21 8.53 11.53
N TYR A 45 -6.94 8.58 11.11
CA TYR A 45 -5.95 7.58 11.47
C TYR A 45 -4.64 8.26 11.83
N ARG A 46 -3.91 7.66 12.76
N ARG A 46 -3.92 7.68 12.78
CA ARG A 46 -2.62 8.17 13.17
CA ARG A 46 -2.60 8.18 13.16
C ARG A 46 -1.50 7.36 12.53
C ARG A 46 -1.51 7.35 12.51
N LEU A 47 -0.55 8.05 11.90
CA LEU A 47 0.59 7.40 11.26
C LEU A 47 1.65 7.13 12.32
N GLY A 48 2.04 5.87 12.42
CA GLY A 48 3.17 5.48 13.25
C GLY A 48 3.93 4.38 12.53
N PHE A 49 4.83 3.72 13.25
CA PHE A 49 5.67 2.70 12.62
C PHE A 49 5.72 1.46 13.49
N ALA A 50 5.75 0.30 12.84
CA ALA A 50 5.64 -0.96 13.56
C ALA A 50 6.37 -2.01 12.74
N GLY A 51 5.89 -3.25 12.77
CA GLY A 51 6.57 -4.34 12.11
C GLY A 51 7.38 -5.13 13.13
N ASP A 52 7.25 -6.45 13.08
CA ASP A 52 7.72 -7.33 14.16
C ASP A 52 9.11 -7.01 14.73
N THR A 53 10.13 -7.04 13.88
CA THR A 53 11.49 -6.87 14.38
C THR A 53 11.74 -5.43 14.82
N PHE A 54 11.01 -4.48 14.24
CA PHE A 54 11.14 -3.09 14.66
C PHE A 54 10.48 -2.92 16.02
N ASN A 55 9.34 -3.59 16.21
CA ASN A 55 8.67 -3.55 17.50
C ASN A 55 9.62 -4.03 18.61
N THR A 56 10.31 -5.13 18.33
CA THR A 56 11.25 -5.68 19.29
C THR A 56 12.35 -4.66 19.58
N ALA A 57 12.88 -4.01 18.54
CA ALA A 57 13.89 -2.97 18.74
C ALA A 57 13.37 -1.80 19.58
N TRP A 58 12.11 -1.43 19.37
CA TRP A 58 11.50 -0.34 20.12
C TRP A 58 11.40 -0.67 21.60
N TYR A 59 10.92 -1.88 21.92
CA TYR A 59 10.88 -2.32 23.32
C TYR A 59 12.27 -2.38 23.94
N LEU A 60 13.24 -2.87 23.18
CA LEU A 60 14.62 -2.96 23.70
C LEU A 60 15.17 -1.58 24.03
N ALA A 61 14.89 -0.59 23.18
CA ALA A 61 15.40 0.75 23.42
C ALA A 61 14.79 1.37 24.67
N ARG A 62 13.58 0.95 25.03
CA ARG A 62 12.98 1.44 26.27
C ARG A 62 13.46 0.69 27.50
N LEU A 63 13.82 -0.59 27.33
CA LEU A 63 14.30 -1.42 28.45
C LEU A 63 15.71 -1.07 28.85
N ARG A 64 16.54 -0.77 27.84
CA ARG A 64 17.95 -0.42 28.06
C ARG A 64 18.33 0.81 27.24
N PRO A 65 17.87 1.99 27.67
CA PRO A 65 18.11 3.21 26.87
C PRO A 65 19.57 3.62 26.85
N GLU A 66 20.38 3.03 27.72
CA GLU A 66 21.81 3.28 27.77
C GLU A 66 22.56 2.43 26.74
N SER A 67 21.87 1.47 26.12
CA SER A 67 22.53 0.60 25.16
C SER A 67 22.36 1.10 23.73
N ARG A 68 23.03 0.44 22.80
CA ARG A 68 22.87 0.78 21.39
C ARG A 68 21.99 -0.25 20.72
N ILE A 69 20.79 0.18 20.31
CA ILE A 69 19.86 -0.71 19.63
C ILE A 69 19.81 -0.28 18.18
N SER A 70 20.36 -1.11 17.28
CA SER A 70 20.45 -0.74 15.86
C SER A 70 19.39 -1.48 15.06
N TYR A 71 18.91 -0.87 13.99
CA TYR A 71 17.97 -1.53 13.07
C TYR A 71 18.56 -1.52 11.66
N PHE A 72 18.62 -2.70 11.03
CA PHE A 72 19.10 -2.76 9.66
C PHE A 72 17.96 -3.19 8.75
N SER A 73 17.76 -2.42 7.69
CA SER A 73 16.68 -2.65 6.75
C SER A 73 16.96 -1.80 5.52
N ALA A 74 15.97 -1.71 4.63
CA ALA A 74 16.05 -0.80 3.50
C ALA A 74 14.76 -0.01 3.45
N ILE A 75 14.86 1.27 3.08
CA ILE A 75 13.69 2.13 2.95
C ILE A 75 13.79 2.88 1.63
N GLY A 76 12.79 3.69 1.29
CA GLY A 76 12.85 4.47 0.07
C GLY A 76 13.50 5.81 0.28
N ASP A 77 13.33 6.72 -0.68
CA ASP A 77 13.87 8.07 -0.56
C ASP A 77 12.77 9.12 -0.65
N ASP A 78 11.55 8.70 -0.34
CA ASP A 78 10.40 9.61 -0.35
C ASP A 78 10.15 10.18 1.04
N ALA A 79 9.16 11.04 1.18
CA ALA A 79 8.87 11.70 2.46
C ALA A 79 8.52 10.70 3.57
N LEU A 80 7.74 9.69 3.22
CA LEU A 80 7.30 8.71 4.22
C LEU A 80 8.50 7.92 4.76
N SER A 81 9.45 7.60 3.87
CA SER A 81 10.65 6.88 4.31
C SER A 81 11.46 7.75 5.24
N GLN A 82 11.52 9.05 4.96
N GLN A 82 11.49 9.05 4.96
CA GLN A 82 12.24 9.96 5.83
CA GLN A 82 12.23 9.97 5.82
C GLN A 82 11.56 10.08 7.19
C GLN A 82 11.57 10.11 7.18
N GLN A 83 10.24 10.05 7.20
CA GLN A 83 9.51 10.07 8.47
C GLN A 83 9.81 8.80 9.26
N MET A 84 9.95 7.67 8.57
CA MET A 84 10.26 6.42 9.23
C MET A 84 11.64 6.55 9.89
N ARG A 85 12.59 7.08 9.14
CA ARG A 85 13.96 7.21 9.66
C ARG A 85 13.97 8.12 10.90
N ALA A 86 13.21 9.20 10.83
CA ALA A 86 13.13 10.16 11.94
C ALA A 86 12.47 9.54 13.17
N ALA A 87 11.46 8.70 12.94
CA ALA A 87 10.80 8.01 14.04
C ALA A 87 11.73 7.03 14.74
N MET A 88 12.57 6.34 13.97
CA MET A 88 13.54 5.45 14.60
C MET A 88 14.44 6.24 15.52
N SER A 89 14.95 7.36 15.02
CA SER A 89 15.88 8.16 15.83
C SER A 89 15.20 8.67 17.09
N ALA A 90 13.95 9.11 16.94
CA ALA A 90 13.21 9.67 18.07
C ALA A 90 12.95 8.61 19.14
N ALA A 91 12.88 7.35 18.71
CA ALA A 91 12.66 6.23 19.61
C ALA A 91 13.95 5.68 20.19
N GLY A 92 15.07 6.34 19.90
CA GLY A 92 16.36 5.92 20.44
C GLY A 92 16.93 4.71 19.73
N ILE A 93 16.51 4.50 18.48
CA ILE A 93 16.98 3.39 17.67
C ILE A 93 17.99 3.91 16.63
N ASP A 94 19.13 3.23 16.54
CA ASP A 94 20.19 3.57 15.59
C ASP A 94 19.87 3.07 14.19
N GLY A 95 19.44 3.98 13.31
CA GLY A 95 19.17 3.63 11.94
C GLY A 95 20.27 4.04 10.97
N GLY A 96 21.48 4.21 11.47
CA GLY A 96 22.60 4.67 10.64
C GLY A 96 22.91 3.75 9.48
N GLY A 97 22.55 2.47 9.61
CA GLY A 97 22.87 1.49 8.59
C GLY A 97 21.78 1.27 7.55
N LEU A 98 20.66 1.98 7.68
CA LEU A 98 19.55 1.79 6.73
C LEU A 98 20.01 2.03 5.31
N ARG A 99 19.54 1.17 4.40
CA ARG A 99 19.87 1.34 3.00
C ARG A 99 18.72 2.04 2.30
N VAL A 100 19.03 2.85 1.30
CA VAL A 100 18.02 3.60 0.57
C VAL A 100 17.89 3.04 -0.84
N ILE A 101 16.67 2.65 -1.20
CA ILE A 101 16.36 2.12 -2.51
C ILE A 101 15.53 3.14 -3.27
N PRO A 102 16.16 3.89 -4.18
CA PRO A 102 15.40 4.89 -4.93
C PRO A 102 14.30 4.23 -5.79
N GLY A 103 13.15 4.87 -5.90
CA GLY A 103 12.09 4.32 -6.72
C GLY A 103 11.17 3.34 -6.00
N ARG A 104 11.43 3.11 -4.72
N ARG A 104 11.46 3.08 -4.73
CA ARG A 104 10.52 2.30 -3.91
CA ARG A 104 10.57 2.29 -3.90
C ARG A 104 10.14 3.04 -2.64
C ARG A 104 10.12 3.06 -2.66
N THR A 105 9.08 2.58 -2.01
CA THR A 105 8.67 3.14 -0.72
C THR A 105 8.56 2.01 0.29
N VAL A 106 8.08 2.33 1.49
CA VAL A 106 8.04 1.34 2.56
C VAL A 106 6.74 0.54 2.46
N GLY A 107 6.60 -0.46 3.32
CA GLY A 107 5.36 -1.23 3.40
C GLY A 107 4.41 -0.54 4.35
N LEU A 108 3.12 -0.92 4.31
CA LEU A 108 2.08 -0.24 5.08
C LEU A 108 1.07 -1.21 5.68
N TYR A 109 0.68 -0.95 6.93
CA TYR A 109 -0.45 -1.61 7.58
C TYR A 109 -1.54 -0.57 7.78
N LEU A 110 -2.81 -0.94 7.53
CA LEU A 110 -3.92 -0.11 7.96
C LEU A 110 -4.79 -0.91 8.90
N ILE A 111 -5.00 -0.38 10.10
CA ILE A 111 -5.86 -1.01 11.09
C ILE A 111 -7.21 -0.30 11.13
N THR A 112 -8.30 -1.06 11.02
CA THR A 112 -9.62 -0.46 11.12
C THR A 112 -10.29 -0.93 12.40
N LEU A 113 -11.13 -0.07 12.94
CA LEU A 113 -11.80 -0.34 14.20
C LEU A 113 -13.27 -0.10 13.97
N GLU A 114 -14.08 -1.15 14.08
CA GLU A 114 -15.51 -1.00 13.93
C GLU A 114 -16.22 -1.71 15.07
N GLN A 115 -17.07 -0.97 15.80
CA GLN A 115 -17.75 -1.49 16.98
C GLN A 115 -16.80 -2.26 17.89
N GLY A 116 -15.61 -1.70 18.11
CA GLY A 116 -14.66 -2.25 19.06
C GLY A 116 -13.83 -3.41 18.57
N GLU A 117 -14.06 -3.83 17.32
CA GLU A 117 -13.29 -4.92 16.73
C GLU A 117 -12.22 -4.43 15.75
N ARG A 118 -11.00 -4.93 15.89
CA ARG A 118 -9.90 -4.53 15.01
C ARG A 118 -9.68 -5.56 13.91
N SER A 119 -9.39 -5.08 12.72
CA SER A 119 -8.86 -5.92 11.65
C SER A 119 -7.78 -5.13 10.93
N PHE A 120 -7.00 -5.79 10.08
CA PHE A 120 -5.94 -5.07 9.38
C PHE A 120 -5.81 -5.48 7.92
N ALA A 121 -5.28 -4.55 7.12
CA ALA A 121 -4.90 -4.81 5.73
C ALA A 121 -3.44 -4.42 5.60
N TYR A 122 -2.78 -4.97 4.60
CA TYR A 122 -1.38 -4.65 4.41
C TYR A 122 -1.01 -4.55 2.94
N TRP A 123 0.03 -3.76 2.67
CA TRP A 123 0.56 -3.57 1.34
C TRP A 123 2.07 -3.59 1.47
N ARG A 124 2.72 -4.65 1.02
CA ARG A 124 4.17 -4.73 1.26
C ARG A 124 4.92 -5.52 0.20
N GLY A 125 4.21 -5.94 -0.85
CA GLY A 125 4.81 -6.81 -1.86
C GLY A 125 5.92 -6.18 -2.68
N GLN A 126 6.01 -4.85 -2.67
CA GLN A 126 7.06 -4.16 -3.41
C GLN A 126 7.88 -3.22 -2.53
N SER A 127 7.83 -3.41 -1.22
CA SER A 127 8.52 -2.50 -0.31
C SER A 127 10.03 -2.54 -0.47
N ALA A 128 10.68 -1.43 -0.14
CA ALA A 128 12.13 -1.35 -0.21
C ALA A 128 12.79 -2.43 0.66
N ALA A 129 12.17 -2.76 1.78
CA ALA A 129 12.74 -3.70 2.73
C ALA A 129 13.03 -5.08 2.13
N ARG A 130 12.31 -5.43 1.07
N ARG A 130 12.33 -5.41 1.06
CA ARG A 130 12.56 -6.72 0.42
CA ARG A 130 12.55 -6.69 0.38
C ARG A 130 13.93 -6.77 -0.25
C ARG A 130 13.94 -6.80 -0.22
N GLU A 131 14.58 -5.62 -0.36
N GLU A 131 14.63 -5.66 -0.31
CA GLU A 131 15.96 -5.53 -0.88
CA GLU A 131 15.98 -5.60 -0.88
C GLU A 131 17.03 -5.48 0.20
C GLU A 131 17.04 -5.46 0.21
N LEU A 132 16.67 -5.71 1.46
CA LEU A 132 17.63 -5.50 2.56
C LEU A 132 18.85 -6.44 2.51
N ALA A 133 18.78 -7.50 1.72
CA ALA A 133 19.91 -8.43 1.59
C ALA A 133 20.59 -8.27 0.24
N GLY A 134 20.37 -7.14 -0.41
CA GLY A 134 20.97 -6.88 -1.71
C GLY A 134 22.46 -6.57 -1.66
N ASP A 135 22.93 -6.07 -0.51
CA ASP A 135 24.33 -5.68 -0.32
C ASP A 135 24.91 -6.51 0.81
N ALA A 136 25.69 -7.54 0.48
CA ALA A 136 26.22 -8.45 1.50
C ALA A 136 27.21 -7.77 2.44
N ASP A 137 28.02 -6.88 1.90
CA ASP A 137 29.01 -6.18 2.71
C ASP A 137 28.33 -5.28 3.76
N ALA A 138 27.23 -4.66 3.39
CA ALA A 138 26.50 -3.79 4.32
C ALA A 138 25.91 -4.59 5.47
N LEU A 139 25.40 -5.78 5.16
CA LEU A 139 24.88 -6.69 6.21
C LEU A 139 25.99 -7.07 7.16
N ALA A 140 27.14 -7.46 6.62
CA ALA A 140 28.26 -7.89 7.44
C ALA A 140 28.73 -6.76 8.35
N ALA A 141 28.79 -5.56 7.80
CA ALA A 141 29.27 -4.41 8.56
C ALA A 141 28.33 -4.08 9.73
N ALA A 142 27.03 -4.26 9.51
CA ALA A 142 26.06 -3.97 10.56
C ALA A 142 26.21 -4.95 11.72
N MET A 143 26.50 -6.21 11.38
CA MET A 143 26.63 -7.26 12.39
C MET A 143 27.96 -7.27 13.15
N ALA A 144 28.99 -6.71 12.54
CA ALA A 144 30.38 -6.96 12.95
C ALA A 144 30.68 -6.81 14.45
N ARG A 145 30.14 -5.78 15.07
CA ARG A 145 30.40 -5.55 16.50
C ARG A 145 29.12 -5.57 17.34
N ALA A 146 28.13 -6.31 16.87
CA ALA A 146 26.89 -6.48 17.63
C ALA A 146 27.11 -7.58 18.63
N ASP A 147 26.61 -7.40 19.84
CA ASP A 147 26.63 -8.48 20.82
C ASP A 147 25.59 -9.52 20.46
N VAL A 148 24.41 -9.05 20.06
CA VAL A 148 23.33 -9.92 19.63
C VAL A 148 22.82 -9.46 18.27
N VAL A 149 22.55 -10.41 17.37
CA VAL A 149 21.88 -10.10 16.11
C VAL A 149 20.55 -10.85 16.13
N TYR A 150 19.46 -10.10 15.91
CA TYR A 150 18.11 -10.63 15.99
C TYR A 150 17.42 -10.50 14.65
N PHE A 151 16.70 -11.55 14.25
CA PHE A 151 15.94 -11.52 13.00
C PHE A 151 14.75 -12.47 13.14
N SER A 152 13.81 -12.40 12.20
CA SER A 152 12.60 -13.19 12.30
C SER A 152 12.28 -13.93 11.02
N GLY A 153 11.25 -14.78 11.09
CA GLY A 153 10.74 -15.44 9.91
C GLY A 153 10.12 -14.47 8.90
N ILE A 154 9.74 -13.27 9.36
CA ILE A 154 9.27 -12.26 8.43
C ILE A 154 10.47 -11.69 7.66
N THR A 155 11.57 -11.47 8.37
CA THR A 155 12.82 -11.07 7.72
C THR A 155 13.15 -12.03 6.58
N LEU A 156 12.98 -13.33 6.80
CA LEU A 156 13.26 -14.32 5.77
C LEU A 156 12.20 -14.30 4.67
N ALA A 157 10.94 -14.19 5.06
CA ALA A 157 9.82 -14.28 4.10
C ALA A 157 9.89 -13.20 3.02
N ILE A 158 10.27 -11.99 3.42
CA ILE A 158 10.24 -10.86 2.48
C ILE A 158 11.35 -10.90 1.43
N LEU A 159 12.34 -11.77 1.62
CA LEU A 159 13.48 -11.85 0.71
C LEU A 159 13.27 -12.93 -0.35
N ASP A 160 13.84 -12.75 -1.54
CA ASP A 160 13.87 -13.84 -2.50
C ASP A 160 14.90 -14.89 -2.08
N GLN A 161 15.07 -15.95 -2.87
CA GLN A 161 15.94 -17.03 -2.41
C GLN A 161 17.38 -16.56 -2.31
N CYS A 162 17.82 -15.73 -3.25
N CYS A 162 17.80 -15.72 -3.24
CA CYS A 162 19.18 -15.22 -3.21
CA CYS A 162 19.16 -15.19 -3.23
C CYS A 162 19.41 -14.34 -1.99
C CYS A 162 19.40 -14.35 -1.99
N GLY A 163 18.42 -13.52 -1.65
CA GLY A 163 18.51 -12.66 -0.47
C GLY A 163 18.49 -13.49 0.81
N ARG A 164 17.65 -14.52 0.84
CA ARG A 164 17.63 -15.44 1.98
C ARG A 164 19.02 -16.03 2.19
N ALA A 165 19.62 -16.50 1.11
CA ALA A 165 20.93 -17.14 1.21
C ALA A 165 21.98 -16.13 1.68
N THR A 166 21.94 -14.92 1.14
CA THR A 166 22.88 -13.87 1.54
C THR A 166 22.78 -13.55 3.02
N LEU A 167 21.54 -13.40 3.51
CA LEU A 167 21.34 -13.14 4.94
C LEU A 167 21.83 -14.30 5.79
N LEU A 168 21.46 -15.53 5.43
CA LEU A 168 21.88 -16.70 6.21
C LEU A 168 23.39 -16.83 6.26
N ARG A 169 24.05 -16.56 5.14
CA ARG A 169 25.51 -16.63 5.11
C ARG A 169 26.11 -15.59 6.04
N ALA A 170 25.56 -14.38 6.02
CA ALA A 170 26.07 -13.31 6.88
C ALA A 170 25.89 -13.65 8.36
N LEU A 171 24.73 -14.21 8.70
CA LEU A 171 24.47 -14.62 10.08
C LEU A 171 25.43 -15.71 10.54
N ALA A 172 25.64 -16.72 9.69
CA ALA A 172 26.57 -17.80 10.02
C ALA A 172 27.97 -17.26 10.27
N GLN A 173 28.39 -16.33 9.42
CA GLN A 173 29.72 -15.77 9.55
C GLN A 173 29.86 -14.95 10.82
N ALA A 174 28.84 -14.15 11.13
CA ALA A 174 28.85 -13.36 12.36
C ALA A 174 28.85 -14.30 13.57
N ARG A 175 28.05 -15.35 13.50
CA ARG A 175 27.98 -16.33 14.59
C ARG A 175 29.35 -16.90 14.88
N ALA A 176 30.10 -17.22 13.82
CA ALA A 176 31.41 -17.82 13.98
C ALA A 176 32.45 -16.87 14.60
N THR A 177 32.20 -15.56 14.55
CA THR A 177 33.13 -14.60 15.15
C THR A 177 32.74 -14.28 16.60
N GLY A 178 31.62 -14.84 17.05
CA GLY A 178 31.22 -14.66 18.43
C GLY A 178 29.94 -13.88 18.65
N ARG A 179 29.33 -13.39 17.56
CA ARG A 179 28.02 -12.73 17.64
C ARG A 179 27.02 -13.75 18.14
N THR A 180 26.18 -13.35 19.10
CA THR A 180 25.07 -14.23 19.50
C THR A 180 23.88 -14.00 18.57
N ILE A 181 23.41 -15.05 17.92
CA ILE A 181 22.33 -14.94 16.94
C ILE A 181 21.00 -15.38 17.56
N ALA A 182 19.98 -14.53 17.49
CA ALA A 182 18.66 -14.83 18.07
C ALA A 182 17.61 -14.75 16.98
N PHE A 183 16.68 -15.70 16.98
CA PHE A 183 15.72 -15.89 15.89
C PHE A 183 14.31 -16.03 16.42
N ASP A 184 13.37 -15.26 15.85
CA ASP A 184 11.94 -15.40 16.14
C ASP A 184 11.31 -15.96 14.88
N PRO A 185 11.03 -17.28 14.86
CA PRO A 185 10.50 -17.91 13.64
C PRO A 185 9.28 -17.18 13.08
N ASN A 186 8.42 -16.67 13.95
CA ASN A 186 7.24 -15.88 13.53
C ASN A 186 6.62 -16.29 12.20
N LEU A 187 6.05 -17.48 12.13
CA LEU A 187 5.43 -17.95 10.90
C LEU A 187 4.18 -17.17 10.51
N ARG A 188 4.21 -16.57 9.33
N ARG A 188 4.22 -16.62 9.30
CA ARG A 188 3.03 -15.88 8.77
CA ARG A 188 3.11 -15.87 8.72
C ARG A 188 2.81 -16.42 7.38
C ARG A 188 2.84 -16.44 7.34
N PRO A 189 1.98 -17.45 7.26
CA PRO A 189 1.79 -18.18 5.99
C PRO A 189 1.48 -17.27 4.80
N ARG A 190 0.74 -16.18 5.00
CA ARG A 190 0.36 -15.34 3.88
C ARG A 190 1.55 -14.63 3.20
N LEU A 191 2.68 -14.55 3.90
CA LEU A 191 3.85 -13.88 3.34
C LEU A 191 4.73 -14.80 2.50
N TRP A 192 4.39 -16.08 2.44
CA TRP A 192 5.18 -17.07 1.70
C TRP A 192 4.42 -17.54 0.47
N ALA A 193 5.15 -17.85 -0.60
CA ALA A 193 4.53 -18.32 -1.82
C ALA A 193 4.23 -19.81 -1.78
N GLY A 194 4.84 -20.51 -0.83
CA GLY A 194 4.59 -21.94 -0.70
C GLY A 194 4.87 -22.45 0.71
N THR A 195 4.18 -23.53 1.08
CA THR A 195 4.29 -24.12 2.42
C THR A 195 5.63 -24.77 2.71
N GLY A 196 6.10 -25.60 1.79
CA GLY A 196 7.39 -26.23 1.96
C GLY A 196 8.53 -25.22 2.04
N GLU A 197 8.48 -24.22 1.18
CA GLU A 197 9.47 -23.15 1.20
C GLU A 197 9.48 -22.48 2.56
N MET A 198 8.29 -22.22 3.10
CA MET A 198 8.16 -21.58 4.40
C MET A 198 8.81 -22.40 5.51
N THR A 199 8.42 -23.66 5.64
CA THR A 199 8.93 -24.46 6.73
C THR A 199 10.42 -24.73 6.55
N GLU A 200 10.85 -24.99 5.32
CA GLU A 200 12.28 -25.24 5.10
C GLU A 200 13.11 -24.00 5.41
N THR A 201 12.64 -22.84 5.00
CA THR A 201 13.43 -21.61 5.17
C THR A 201 13.50 -21.22 6.63
N ILE A 202 12.40 -21.42 7.36
CA ILE A 202 12.41 -21.17 8.79
C ILE A 202 13.46 -22.03 9.46
N MET A 203 13.57 -23.29 9.07
CA MET A 203 14.57 -24.16 9.67
C MET A 203 16.00 -23.86 9.20
N GLN A 204 16.15 -23.23 8.05
CA GLN A 204 17.46 -22.69 7.64
C GLN A 204 17.84 -21.57 8.59
N GLY A 205 16.85 -20.76 8.98
CA GLY A 205 17.09 -19.70 9.95
C GLY A 205 17.51 -20.28 11.29
N ALA A 206 16.84 -21.35 11.69
CA ALA A 206 17.17 -22.04 12.93
C ALA A 206 18.61 -22.51 12.95
N ALA A 207 19.10 -22.97 11.79
CA ALA A 207 20.42 -23.57 11.70
C ALA A 207 21.56 -22.57 11.90
N VAL A 208 21.27 -21.26 11.82
CA VAL A 208 22.33 -20.27 12.08
C VAL A 208 22.13 -19.55 13.42
N SER A 209 21.20 -20.02 14.23
CA SER A 209 20.81 -19.26 15.42
C SER A 209 21.19 -19.95 16.73
N ASP A 210 21.60 -19.17 17.72
CA ASP A 210 21.93 -19.70 19.04
C ASP A 210 20.71 -19.79 19.93
N ILE A 211 19.83 -18.80 19.79
CA ILE A 211 18.60 -18.69 20.57
C ILE A 211 17.44 -18.70 19.61
N ALA A 212 16.41 -19.49 19.86
CA ALA A 212 15.23 -19.45 19.02
C ALA A 212 14.00 -19.30 19.90
N LEU A 213 13.03 -18.53 19.40
CA LEU A 213 11.85 -18.16 20.19
C LEU A 213 10.58 -18.55 19.47
N PRO A 214 10.36 -19.85 19.26
CA PRO A 214 9.17 -20.25 18.49
C PRO A 214 7.91 -20.10 19.32
N SER A 215 6.76 -20.13 18.63
CA SER A 215 5.48 -20.19 19.30
C SER A 215 4.81 -21.52 18.96
N PHE A 216 4.46 -22.30 19.98
CA PHE A 216 3.87 -23.61 19.74
C PHE A 216 2.59 -23.53 18.92
N GLU A 217 1.69 -22.62 19.29
CA GLU A 217 0.40 -22.53 18.60
C GLU A 217 0.55 -22.19 17.12
N ASP A 218 1.54 -21.37 16.81
CA ASP A 218 1.74 -20.88 15.45
C ASP A 218 2.43 -21.91 14.56
N GLU A 219 3.17 -22.83 15.17
CA GLU A 219 4.04 -23.72 14.40
C GLU A 219 3.64 -25.17 14.38
N ALA A 220 2.89 -25.63 15.39
CA ALA A 220 2.60 -27.05 15.54
C ALA A 220 2.03 -27.71 14.29
N ALA A 221 1.08 -27.04 13.64
CA ALA A 221 0.42 -27.61 12.48
C ALA A 221 1.39 -27.81 11.32
N TRP A 222 2.28 -26.85 11.12
CA TRP A 222 3.17 -26.87 9.97
C TRP A 222 4.29 -27.91 10.11
N PHE A 223 4.69 -28.20 11.34
CA PHE A 223 5.82 -29.09 11.58
C PHE A 223 5.42 -30.41 12.22
N GLY A 224 4.21 -30.49 12.75
CA GLY A 224 3.72 -31.71 13.36
C GLY A 224 4.23 -31.90 14.77
N ASP A 225 4.51 -30.80 15.47
CA ASP A 225 4.95 -30.88 16.86
C ASP A 225 3.81 -31.36 17.73
N ALA A 226 4.01 -32.45 18.48
CA ALA A 226 2.96 -32.97 19.36
C ALA A 226 2.70 -32.05 20.55
N GLY A 227 3.72 -31.32 20.97
CA GLY A 227 3.64 -30.45 22.13
C GLY A 227 4.84 -29.51 22.14
N PRO A 228 4.89 -28.58 23.09
CA PRO A 228 5.98 -27.62 23.18
C PRO A 228 7.37 -28.26 23.30
N ASP A 229 7.47 -29.41 23.98
CA ASP A 229 8.77 -30.08 24.08
C ASP A 229 9.24 -30.59 22.72
N ALA A 230 8.29 -31.02 21.88
CA ALA A 230 8.60 -31.42 20.51
C ALA A 230 9.10 -30.23 19.70
N THR A 231 8.46 -29.07 19.90
CA THR A 231 8.91 -27.85 19.26
C THR A 231 10.36 -27.57 19.64
N ALA A 232 10.65 -27.66 20.94
CA ALA A 232 12.01 -27.39 21.43
C ALA A 232 13.01 -28.36 20.81
N ASP A 233 12.65 -29.64 20.77
CA ASP A 233 13.54 -30.65 20.17
C ASP A 233 13.88 -30.32 18.72
N ARG A 234 12.88 -29.84 17.99
CA ARG A 234 13.04 -29.53 16.58
C ARG A 234 14.12 -28.48 16.37
N TYR A 235 14.07 -27.42 17.18
CA TYR A 235 15.09 -26.37 17.10
C TYR A 235 16.47 -26.82 17.59
N ALA A 236 16.51 -27.61 18.66
CA ALA A 236 17.78 -28.11 19.15
C ALA A 236 18.48 -28.97 18.09
N ARG A 237 17.71 -29.69 17.29
N ARG A 237 17.71 -29.68 17.28
CA ARG A 237 18.33 -30.52 16.26
CA ARG A 237 18.29 -30.51 16.24
C ARG A 237 18.97 -29.70 15.15
C ARG A 237 18.97 -29.70 15.15
N ALA A 238 18.57 -28.43 15.03
CA ALA A 238 19.19 -27.51 14.08
C ALA A 238 20.40 -26.80 14.69
N GLY A 239 20.74 -27.15 15.93
CA GLY A 239 21.90 -26.56 16.58
C GLY A 239 21.62 -25.41 17.53
N VAL A 240 20.34 -25.08 17.71
CA VAL A 240 19.95 -24.00 18.60
C VAL A 240 20.28 -24.39 20.03
N ARG A 241 21.02 -23.51 20.73
CA ARG A 241 21.51 -23.82 22.07
C ARG A 241 20.45 -23.54 23.13
N SER A 242 19.68 -22.48 22.92
CA SER A 242 18.63 -22.10 23.87
C SER A 242 17.30 -21.95 23.15
N VAL A 243 16.37 -22.88 23.36
CA VAL A 243 15.06 -22.77 22.71
C VAL A 243 14.05 -22.36 23.77
N VAL A 244 13.28 -21.30 23.50
CA VAL A 244 12.28 -20.81 24.44
C VAL A 244 10.96 -20.83 23.71
N VAL A 245 10.07 -21.74 24.11
CA VAL A 245 8.83 -21.98 23.37
C VAL A 245 7.66 -21.23 24.00
N LYS A 246 7.18 -20.19 23.31
CA LYS A 246 5.99 -19.47 23.75
C LYS A 246 4.77 -20.35 23.44
N ASN A 247 3.80 -20.35 24.35
CA ASN A 247 2.57 -21.11 24.14
C ASN A 247 1.38 -20.41 24.77
N GLY A 248 1.14 -19.19 24.33
CA GLY A 248 0.02 -18.40 24.82
C GLY A 248 0.07 -18.18 26.31
N PRO A 249 -1.02 -18.54 27.01
CA PRO A 249 -1.10 -18.33 28.46
C PRO A 249 -0.50 -19.50 29.22
N HIS A 250 -0.04 -20.53 28.51
CA HIS A 250 0.50 -21.72 29.15
C HIS A 250 1.97 -21.53 29.50
N ALA A 251 2.48 -22.41 30.37
CA ALA A 251 3.87 -22.35 30.79
C ALA A 251 4.81 -22.35 29.60
N VAL A 252 5.86 -21.53 29.70
CA VAL A 252 6.89 -21.48 28.68
C VAL A 252 7.88 -22.63 28.86
N HIS A 253 7.95 -23.52 27.88
CA HIS A 253 8.91 -24.61 27.93
C HIS A 253 10.22 -24.12 27.33
N PHE A 254 11.34 -24.56 27.91
CA PHE A 254 12.63 -24.25 27.31
C PHE A 254 13.51 -25.48 27.25
N LEU A 255 14.51 -25.42 26.38
CA LEU A 255 15.47 -26.49 26.24
C LEU A 255 16.81 -25.84 25.99
N GLN A 256 17.76 -26.12 26.87
CA GLN A 256 19.07 -25.53 26.74
C GLN A 256 20.14 -26.57 27.00
N ASP A 257 20.91 -26.89 25.96
CA ASP A 257 21.97 -27.88 26.06
C ASP A 257 21.52 -29.16 26.77
N GLY A 258 20.41 -29.72 26.29
CA GLY A 258 19.94 -31.00 26.79
C GLY A 258 19.06 -30.92 28.01
N ARG A 259 18.97 -29.73 28.60
CA ARG A 259 18.21 -29.54 29.83
C ARG A 259 16.89 -28.81 29.60
N ARG A 260 15.80 -29.42 30.08
CA ARG A 260 14.46 -28.83 29.93
C ARG A 260 14.03 -28.14 31.21
N GLY A 261 13.09 -27.21 31.07
CA GLY A 261 12.43 -26.60 32.21
C GLY A 261 11.16 -25.92 31.76
N ARG A 262 10.37 -25.45 32.72
CA ARG A 262 9.15 -24.71 32.43
C ARG A 262 9.09 -23.48 33.30
N VAL A 263 8.57 -22.40 32.73
CA VAL A 263 8.35 -21.17 33.48
C VAL A 263 6.88 -20.78 33.39
N PRO A 264 6.17 -20.77 34.54
CA PRO A 264 4.75 -20.45 34.48
C PRO A 264 4.50 -19.01 34.03
N VAL A 265 3.35 -18.80 33.39
CA VAL A 265 2.97 -17.49 32.91
C VAL A 265 1.75 -17.05 33.72
N PRO A 266 1.91 -16.02 34.56
CA PRO A 266 0.76 -15.55 35.34
C PRO A 266 -0.38 -15.12 34.43
N PRO A 267 -1.62 -15.40 34.85
CA PRO A 267 -2.80 -15.06 34.04
C PRO A 267 -2.88 -13.56 33.81
N VAL A 268 -3.38 -13.16 32.66
CA VAL A 268 -3.47 -11.75 32.33
C VAL A 268 -4.93 -11.37 32.22
N ALA A 269 -5.39 -10.54 33.15
CA ALA A 269 -6.76 -10.06 33.11
C ALA A 269 -6.80 -8.81 32.24
N GLN A 270 -8.00 -8.49 31.78
CA GLN A 270 -8.27 -7.30 30.98
C GLN A 270 -7.43 -7.25 29.71
N VAL A 271 -7.64 -8.25 28.84
CA VAL A 271 -6.97 -8.29 27.55
C VAL A 271 -7.51 -7.16 26.67
N VAL A 272 -6.61 -6.34 26.13
CA VAL A 272 -7.01 -5.24 25.25
C VAL A 272 -6.57 -5.47 23.80
N ASP A 273 -5.33 -5.88 23.61
CA ASP A 273 -4.80 -6.04 22.26
C ASP A 273 -3.54 -6.91 22.37
N THR A 274 -3.56 -8.06 21.72
CA THR A 274 -2.42 -8.96 21.79
C THR A 274 -1.34 -8.63 20.77
N THR A 275 -1.57 -7.60 19.95
CA THR A 275 -0.56 -7.18 18.97
C THR A 275 0.79 -6.99 19.65
N ALA A 276 1.83 -7.56 19.03
CA ALA A 276 3.21 -7.39 19.48
C ALA A 276 3.52 -8.05 20.83
N ALA A 277 2.61 -8.88 21.33
CA ALA A 277 2.90 -9.63 22.57
C ALA A 277 4.17 -10.46 22.41
N GLY A 278 4.28 -11.18 21.31
CA GLY A 278 5.47 -11.97 21.02
C GLY A 278 6.71 -11.13 20.82
N ASP A 279 6.58 -10.00 20.11
CA ASP A 279 7.72 -9.11 19.86
C ASP A 279 8.28 -8.55 21.17
N SER A 280 7.37 -8.18 22.07
CA SER A 280 7.76 -7.63 23.35
C SER A 280 8.33 -8.70 24.28
N PHE A 281 7.78 -9.91 24.21
CA PHE A 281 8.33 -11.04 24.97
C PHE A 281 9.81 -11.18 24.55
N ASN A 282 10.04 -11.18 23.24
CA ASN A 282 11.40 -11.37 22.73
C ASN A 282 12.33 -10.28 23.22
N ALA A 283 11.86 -9.04 23.25
CA ALA A 283 12.66 -7.93 23.75
C ALA A 283 13.00 -8.12 25.22
N GLY A 284 12.01 -8.53 26.01
CA GLY A 284 12.23 -8.72 27.44
C GLY A 284 13.24 -9.82 27.68
N LEU A 285 13.13 -10.89 26.89
CA LEU A 285 14.07 -12.00 27.02
C LEU A 285 15.48 -11.56 26.66
N LEU A 286 15.63 -10.90 25.52
CA LEU A 286 16.97 -10.50 25.06
C LEU A 286 17.60 -9.43 25.95
N ASP A 287 16.77 -8.53 26.48
CA ASP A 287 17.28 -7.53 27.41
C ASP A 287 17.90 -8.22 28.62
N SER A 288 17.21 -9.22 29.14
CA SER A 288 17.66 -9.92 30.34
C SER A 288 18.87 -10.80 30.03
N VAL A 289 18.89 -11.44 28.86
CA VAL A 289 20.05 -12.23 28.45
C VAL A 289 21.31 -11.36 28.31
N LEU A 290 21.17 -10.17 27.72
N LEU A 290 21.14 -10.17 27.73
CA LEU A 290 22.31 -9.28 27.59
CA LEU A 290 22.25 -9.26 27.55
C LEU A 290 22.83 -8.82 28.92
C LEU A 290 22.79 -8.76 28.88
N ALA A 291 21.93 -8.74 29.90
CA ALA A 291 22.29 -8.30 31.24
C ALA A 291 22.94 -9.44 32.03
N GLY A 292 23.09 -10.60 31.39
CA GLY A 292 23.77 -11.73 32.01
C GLY A 292 22.92 -12.46 33.03
N GLN A 293 21.60 -12.37 32.89
CA GLN A 293 20.71 -13.08 33.81
C GLN A 293 20.47 -14.51 33.34
N PRO A 294 20.23 -15.44 34.27
CA PRO A 294 19.97 -16.84 33.88
C PRO A 294 18.74 -16.94 32.97
N LEU A 295 18.70 -17.96 32.11
CA LEU A 295 17.61 -18.09 31.14
C LEU A 295 16.22 -18.06 31.79
N GLU A 296 16.07 -18.75 32.92
CA GLU A 296 14.78 -18.80 33.61
C GLU A 296 14.34 -17.42 34.07
N THR A 297 15.29 -16.60 34.52
CA THR A 297 14.98 -15.25 34.96
C THR A 297 14.56 -14.40 33.76
N ALA A 298 15.27 -14.59 32.65
CA ALA A 298 14.98 -13.87 31.41
C ALA A 298 13.60 -14.23 30.89
N ILE A 299 13.24 -15.50 30.98
CA ILE A 299 11.91 -15.93 30.53
C ILE A 299 10.82 -15.30 31.37
N ALA A 300 11.00 -15.25 32.69
CA ALA A 300 10.03 -14.61 33.57
C ALA A 300 9.87 -13.13 33.23
N ALA A 301 10.97 -12.46 32.92
CA ALA A 301 10.91 -11.04 32.61
C ALA A 301 10.17 -10.83 31.31
N ALA A 302 10.42 -11.72 30.35
CA ALA A 302 9.79 -11.69 29.04
C ALA A 302 8.29 -11.83 29.17
N ALA A 303 7.84 -12.77 29.98
CA ALA A 303 6.42 -13.01 30.18
C ALA A 303 5.76 -11.82 30.85
N ALA A 304 6.47 -11.21 31.79
CA ALA A 304 5.95 -10.05 32.51
C ALA A 304 5.70 -8.86 31.58
N LEU A 305 6.66 -8.60 30.69
CA LEU A 305 6.50 -7.52 29.73
C LEU A 305 5.37 -7.81 28.74
N ALA A 306 5.35 -9.03 28.21
CA ALA A 306 4.31 -9.40 27.26
C ALA A 306 2.92 -9.24 27.85
N GLY A 307 2.77 -9.55 29.14
CA GLY A 307 1.46 -9.44 29.76
C GLY A 307 1.00 -7.99 29.77
N GLN A 308 1.91 -7.08 30.05
CA GLN A 308 1.56 -5.66 30.05
C GLN A 308 1.24 -5.15 28.65
N VAL A 309 1.90 -5.70 27.65
CA VAL A 309 1.59 -5.34 26.26
C VAL A 309 0.20 -5.87 25.87
N VAL A 310 -0.16 -7.07 26.32
CA VAL A 310 -1.50 -7.59 26.06
C VAL A 310 -2.57 -6.71 26.69
N GLN A 311 -2.25 -6.12 27.84
CA GLN A 311 -3.16 -5.22 28.53
C GLN A 311 -3.24 -3.83 27.89
N GLY A 312 -2.35 -3.56 26.94
CA GLY A 312 -2.29 -2.25 26.29
C GLY A 312 -2.68 -2.29 24.82
N LYS A 313 -2.93 -1.11 24.25
CA LYS A 313 -3.42 -0.99 22.89
C LYS A 313 -2.29 -0.68 21.93
N GLY A 314 -2.20 -1.44 20.84
CA GLY A 314 -1.25 -1.11 19.78
C GLY A 314 0.06 -1.86 19.83
N ALA A 315 0.83 -1.79 18.75
CA ALA A 315 2.10 -2.52 18.69
C ALA A 315 3.09 -1.99 19.72
N LEU A 316 3.12 -0.67 19.92
CA LEU A 316 4.12 -0.07 20.81
C LEU A 316 3.45 0.43 22.08
N VAL A 317 3.48 -0.39 23.13
CA VAL A 317 2.84 -0.02 24.39
C VAL A 317 3.86 0.54 25.36
N GLU A 318 3.56 1.72 25.89
CA GLU A 318 4.41 2.31 26.91
C GLU A 318 4.16 1.67 28.27
N VAL A 319 5.07 0.75 28.59
CA VAL A 319 5.01 -0.04 29.81
C VAL A 319 5.91 0.58 30.87
N GLY B 10 -30.81 1.84 -1.58
CA GLY B 10 -29.53 2.42 -1.93
C GLY B 10 -29.66 3.47 -3.01
N VAL B 11 -28.83 3.35 -4.05
CA VAL B 11 -28.87 4.28 -5.17
C VAL B 11 -30.06 3.92 -6.06
N ASP B 12 -30.85 4.92 -6.42
CA ASP B 12 -32.01 4.73 -7.31
C ASP B 12 -31.53 4.46 -8.73
N LEU B 13 -31.94 3.33 -9.30
CA LEU B 13 -31.49 2.95 -10.63
C LEU B 13 -32.58 3.19 -11.66
N GLY B 14 -33.73 3.68 -11.20
CA GLY B 14 -34.83 3.98 -12.09
C GLY B 14 -35.49 2.73 -12.66
N THR B 15 -36.14 2.87 -13.79
CA THR B 15 -36.83 1.75 -14.43
C THR B 15 -36.34 1.62 -15.85
N GLU B 16 -36.80 0.58 -16.54
CA GLU B 16 -36.47 0.39 -17.95
C GLU B 16 -37.55 -0.42 -18.65
N ASN B 17 -37.60 -0.31 -19.97
CA ASN B 17 -38.28 -1.28 -20.80
C ASN B 17 -37.21 -1.82 -21.76
N LEU B 18 -37.61 -2.53 -22.81
CA LEU B 18 -36.61 -3.10 -23.72
C LEU B 18 -35.82 -2.05 -24.48
N TYR B 19 -36.39 -0.86 -24.61
CA TYR B 19 -35.91 0.14 -25.57
C TYR B 19 -35.21 1.32 -24.90
N PHE B 20 -35.74 1.75 -23.76
CA PHE B 20 -35.19 2.91 -23.07
C PHE B 20 -35.14 2.71 -21.58
N GLN B 21 -34.22 3.42 -20.92
CA GLN B 21 -34.18 3.43 -19.46
C GLN B 21 -34.68 4.80 -19.00
N SER B 22 -35.26 4.87 -17.80
CA SER B 22 -35.77 6.15 -17.31
C SER B 22 -34.65 7.15 -16.99
N MET B 23 -33.44 6.62 -16.75
CA MET B 23 -32.30 7.49 -16.48
C MET B 23 -31.26 7.40 -17.58
N MET B 24 -30.67 8.54 -17.95
N MET B 24 -30.65 8.54 -17.92
CA MET B 24 -29.46 8.52 -18.76
CA MET B 24 -29.43 8.56 -18.70
C MET B 24 -28.39 7.79 -17.95
C MET B 24 -28.40 7.76 -17.92
N HIS B 25 -27.57 6.99 -18.63
CA HIS B 25 -26.70 6.04 -17.97
C HIS B 25 -25.26 6.21 -18.42
N ILE B 26 -24.37 6.59 -17.49
CA ILE B 26 -22.95 6.68 -17.76
C ILE B 26 -22.23 5.63 -16.92
N LEU B 27 -21.36 4.85 -17.55
CA LEU B 27 -20.52 3.89 -16.86
C LEU B 27 -19.08 4.36 -16.87
N SER B 28 -18.46 4.38 -15.69
CA SER B 28 -17.04 4.70 -15.57
C SER B 28 -16.32 3.44 -15.13
N ILE B 29 -15.21 3.11 -15.80
CA ILE B 29 -14.47 1.87 -15.52
C ILE B 29 -13.05 2.19 -15.10
N GLY B 30 -12.64 1.68 -13.95
CA GLY B 30 -11.28 1.93 -13.53
C GLY B 30 -11.04 1.54 -12.09
N GLU B 31 -10.05 2.18 -11.48
CA GLU B 31 -9.71 1.89 -10.09
C GLU B 31 -10.06 3.03 -9.16
N CYS B 32 -10.88 2.74 -8.15
CA CYS B 32 -11.10 3.65 -7.03
C CYS B 32 -10.06 3.35 -5.95
N MET B 33 -9.41 4.39 -5.43
CA MET B 33 -8.36 4.21 -4.45
C MET B 33 -8.81 4.69 -3.08
N ALA B 34 -8.42 3.96 -2.03
CA ALA B 34 -8.48 4.52 -0.69
C ALA B 34 -7.46 5.66 -0.63
N GLU B 35 -7.79 6.72 0.08
CA GLU B 35 -6.92 7.89 0.11
C GLU B 35 -6.87 8.43 1.54
N LEU B 36 -5.66 8.70 2.03
CA LEU B 36 -5.54 9.38 3.32
C LEU B 36 -4.80 10.69 3.15
N ALA B 37 -5.37 11.75 3.73
CA ALA B 37 -4.81 13.08 3.61
C ALA B 37 -4.74 13.73 5.00
N PRO B 38 -3.80 14.66 5.19
CA PRO B 38 -3.61 15.27 6.51
C PRO B 38 -4.89 15.83 7.11
N ALA B 39 -5.10 15.54 8.38
CA ALA B 39 -6.28 16.02 9.09
C ALA B 39 -5.85 17.12 10.05
N ASP B 40 -6.71 17.46 11.01
CA ASP B 40 -6.46 18.61 11.86
C ASP B 40 -5.31 18.43 12.87
N LEU B 41 -5.23 17.28 13.52
CA LEU B 41 -4.16 17.04 14.49
C LEU B 41 -2.92 16.49 13.81
N PRO B 42 -1.73 16.94 14.23
CA PRO B 42 -0.45 16.49 13.67
C PRO B 42 -0.35 14.98 13.69
N GLY B 43 0.12 14.40 12.59
CA GLY B 43 0.34 12.96 12.53
C GLY B 43 -0.92 12.18 12.25
N THR B 44 -2.04 12.87 12.04
CA THR B 44 -3.29 12.18 11.73
C THR B 44 -3.78 12.47 10.33
N TYR B 45 -4.55 11.52 9.79
CA TYR B 45 -4.97 11.52 8.39
C TYR B 45 -6.43 11.10 8.25
N ARG B 46 -7.15 11.73 7.33
CA ARG B 46 -8.55 11.44 7.14
C ARG B 46 -8.71 10.49 5.96
N LEU B 47 -9.47 9.42 6.15
CA LEU B 47 -9.69 8.43 5.09
C LEU B 47 -10.86 8.83 4.20
N GLY B 48 -10.62 8.82 2.89
CA GLY B 48 -11.69 8.97 1.91
C GLY B 48 -11.39 8.12 0.70
N PHE B 49 -12.13 8.32 -0.38
CA PHE B 49 -11.91 7.53 -1.59
C PHE B 49 -11.79 8.42 -2.81
N ALA B 50 -10.92 8.03 -3.73
CA ALA B 50 -10.65 8.83 -4.89
C ALA B 50 -10.20 7.92 -6.03
N GLY B 51 -9.25 8.37 -6.83
CA GLY B 51 -8.84 7.62 -8.01
C GLY B 51 -9.52 8.22 -9.23
N ASP B 52 -8.74 8.46 -10.29
CA ASP B 52 -9.17 9.29 -11.41
C ASP B 52 -10.58 9.05 -11.93
N THR B 53 -10.88 7.82 -12.35
CA THR B 53 -12.16 7.56 -12.98
C THR B 53 -13.32 7.58 -11.96
N PHE B 54 -13.00 7.29 -10.71
CA PHE B 54 -13.98 7.42 -9.63
C PHE B 54 -14.29 8.89 -9.38
N ASN B 55 -13.24 9.72 -9.35
CA ASN B 55 -13.44 11.16 -9.15
C ASN B 55 -14.41 11.67 -10.20
N THR B 56 -14.18 11.26 -11.45
CA THR B 56 -15.04 11.71 -12.54
C THR B 56 -16.49 11.28 -12.28
N ALA B 57 -16.68 10.05 -11.83
CA ALA B 57 -18.02 9.56 -11.51
C ALA B 57 -18.66 10.37 -10.37
N TRP B 58 -17.84 10.70 -9.37
CA TRP B 58 -18.31 11.49 -8.23
C TRP B 58 -18.83 12.86 -8.67
N TYR B 59 -18.08 13.53 -9.54
CA TYR B 59 -18.51 14.83 -10.05
C TYR B 59 -19.76 14.67 -10.91
N LEU B 60 -19.80 13.62 -11.72
CA LEU B 60 -20.98 13.39 -12.57
C LEU B 60 -22.24 13.19 -11.73
N ALA B 61 -22.13 12.42 -10.66
CA ALA B 61 -23.29 12.16 -9.81
C ALA B 61 -23.85 13.43 -9.18
N ARG B 62 -22.99 14.42 -8.96
N ARG B 62 -22.99 14.43 -8.97
CA ARG B 62 -23.45 15.70 -8.41
CA ARG B 62 -23.45 15.70 -8.41
C ARG B 62 -24.02 16.62 -9.49
C ARG B 62 -24.02 16.62 -9.50
N LEU B 63 -23.47 16.52 -10.70
CA LEU B 63 -23.96 17.31 -11.84
C LEU B 63 -25.33 16.86 -12.32
N ARG B 64 -25.56 15.55 -12.31
CA ARG B 64 -26.83 14.99 -12.77
C ARG B 64 -27.30 13.91 -11.81
N PRO B 65 -27.77 14.31 -10.62
CA PRO B 65 -28.16 13.38 -9.57
C PRO B 65 -29.39 12.56 -9.96
N GLU B 66 -30.13 13.03 -10.96
CA GLU B 66 -31.27 12.28 -11.48
C GLU B 66 -30.89 11.17 -12.49
N SER B 67 -29.63 11.16 -12.92
CA SER B 67 -29.14 10.13 -13.85
C SER B 67 -28.53 8.95 -13.10
N ARG B 68 -28.17 7.91 -13.85
CA ARG B 68 -27.52 6.74 -13.28
C ARG B 68 -26.05 6.76 -13.63
N ILE B 69 -25.22 6.94 -12.60
CA ILE B 69 -23.77 6.95 -12.79
C ILE B 69 -23.21 5.68 -12.18
N SER B 70 -22.79 4.75 -13.03
CA SER B 70 -22.34 3.44 -12.58
C SER B 70 -20.82 3.36 -12.57
N TYR B 71 -20.27 2.63 -11.62
CA TYR B 71 -18.83 2.43 -11.58
C TYR B 71 -18.54 0.94 -11.65
N PHE B 72 -17.69 0.55 -12.59
CA PHE B 72 -17.32 -0.86 -12.70
C PHE B 72 -15.86 -1.04 -12.34
N SER B 73 -15.60 -1.97 -11.42
CA SER B 73 -14.24 -2.21 -10.95
C SER B 73 -14.28 -3.51 -10.18
N ALA B 74 -13.21 -3.79 -9.44
CA ALA B 74 -13.18 -4.94 -8.55
C ALA B 74 -12.62 -4.46 -7.22
N ILE B 75 -13.14 -4.98 -6.12
CA ILE B 75 -12.68 -4.63 -4.77
C ILE B 75 -12.48 -5.94 -4.01
N GLY B 76 -11.94 -5.88 -2.79
CA GLY B 76 -11.77 -7.08 -1.98
C GLY B 76 -12.98 -7.35 -1.12
N ASP B 77 -12.81 -8.16 -0.08
CA ASP B 77 -13.93 -8.50 0.80
C ASP B 77 -13.63 -8.14 2.25
N ASP B 78 -12.72 -7.19 2.44
CA ASP B 78 -12.31 -6.77 3.77
C ASP B 78 -13.04 -5.50 4.17
N ALA B 79 -12.70 -4.97 5.35
CA ALA B 79 -13.41 -3.81 5.89
C ALA B 79 -13.21 -2.57 5.05
N LEU B 80 -11.99 -2.36 4.54
CA LEU B 80 -11.72 -1.20 3.70
C LEU B 80 -12.52 -1.28 2.39
N SER B 81 -12.60 -2.48 1.81
CA SER B 81 -13.40 -2.65 0.59
C SER B 81 -14.87 -2.34 0.85
N GLN B 82 -15.36 -2.73 2.02
CA GLN B 82 -16.75 -2.49 2.36
C GLN B 82 -17.00 -1.00 2.55
N GLN B 83 -16.06 -0.33 3.19
CA GLN B 83 -16.16 1.12 3.33
C GLN B 83 -16.16 1.81 1.96
N MET B 84 -15.34 1.31 1.04
CA MET B 84 -15.31 1.88 -0.31
C MET B 84 -16.65 1.72 -1.02
N ARG B 85 -17.22 0.51 -0.94
CA ARG B 85 -18.52 0.26 -1.52
C ARG B 85 -19.57 1.19 -0.91
N ALA B 86 -19.52 1.35 0.42
CA ALA B 86 -20.47 2.23 1.09
C ALA B 86 -20.31 3.69 0.67
N ALA B 87 -19.06 4.15 0.51
CA ALA B 87 -18.80 5.52 0.07
C ALA B 87 -19.35 5.79 -1.33
N MET B 88 -19.20 4.81 -2.22
CA MET B 88 -19.78 4.94 -3.56
C MET B 88 -21.29 5.16 -3.48
N SER B 89 -21.97 4.31 -2.72
CA SER B 89 -23.42 4.41 -2.57
C SER B 89 -23.81 5.77 -1.97
N ALA B 90 -23.05 6.22 -0.98
CA ALA B 90 -23.34 7.49 -0.32
C ALA B 90 -23.16 8.66 -1.28
N ALA B 91 -22.30 8.48 -2.29
CA ALA B 91 -22.04 9.53 -3.27
C ALA B 91 -23.01 9.49 -4.45
N GLY B 92 -23.97 8.56 -4.41
CA GLY B 92 -24.96 8.47 -5.48
C GLY B 92 -24.46 7.72 -6.69
N ILE B 93 -23.39 6.96 -6.50
CA ILE B 93 -22.81 6.15 -7.57
C ILE B 93 -23.29 4.70 -7.46
N ASP B 94 -23.72 4.14 -8.60
CA ASP B 94 -24.21 2.76 -8.65
C ASP B 94 -23.04 1.79 -8.72
N GLY B 95 -22.80 1.09 -7.62
CA GLY B 95 -21.71 0.10 -7.58
C GLY B 95 -22.23 -1.32 -7.65
N GLY B 96 -23.42 -1.49 -8.23
CA GLY B 96 -24.04 -2.80 -8.30
C GLY B 96 -23.24 -3.83 -9.09
N GLY B 97 -22.39 -3.35 -9.98
CA GLY B 97 -21.63 -4.24 -10.83
C GLY B 97 -20.24 -4.55 -10.31
N LEU B 98 -19.87 -3.97 -9.17
CA LEU B 98 -18.54 -4.20 -8.61
C LEU B 98 -18.29 -5.69 -8.40
N ARG B 99 -17.09 -6.15 -8.78
CA ARG B 99 -16.70 -7.53 -8.56
C ARG B 99 -15.99 -7.62 -7.23
N VAL B 100 -16.13 -8.75 -6.55
CA VAL B 100 -15.44 -8.95 -5.28
C VAL B 100 -14.39 -10.04 -5.45
N ILE B 101 -13.16 -9.73 -5.08
CA ILE B 101 -12.06 -10.69 -5.21
C ILE B 101 -11.58 -11.09 -3.82
N PRO B 102 -11.99 -12.28 -3.34
CA PRO B 102 -11.65 -12.72 -1.98
C PRO B 102 -10.13 -12.73 -1.74
N GLY B 103 -9.72 -12.30 -0.55
CA GLY B 103 -8.31 -12.37 -0.18
C GLY B 103 -7.49 -11.18 -0.65
N ARG B 104 -8.09 -10.34 -1.47
CA ARG B 104 -7.41 -9.13 -1.92
C ARG B 104 -7.99 -7.90 -1.24
N THR B 105 -7.26 -6.80 -1.29
CA THR B 105 -7.80 -5.53 -0.82
C THR B 105 -7.67 -4.50 -1.93
N VAL B 106 -7.99 -3.25 -1.60
CA VAL B 106 -7.99 -2.20 -2.60
C VAL B 106 -6.62 -1.51 -2.63
N GLY B 107 -6.45 -0.55 -3.54
CA GLY B 107 -5.23 0.22 -3.61
C GLY B 107 -5.37 1.41 -2.69
N LEU B 108 -4.26 2.00 -2.30
CA LEU B 108 -4.30 3.08 -1.32
C LEU B 108 -3.24 4.13 -1.67
N TYR B 109 -3.57 5.40 -1.48
CA TYR B 109 -2.49 6.38 -1.48
C TYR B 109 -2.53 7.27 -0.26
N LEU B 110 -1.34 7.71 0.14
CA LEU B 110 -1.17 8.52 1.33
C LEU B 110 -0.53 9.83 0.92
N ILE B 111 -1.15 10.93 1.33
CA ILE B 111 -0.57 12.25 1.14
C ILE B 111 0.10 12.72 2.42
N THR B 112 1.41 12.96 2.39
CA THR B 112 2.06 13.56 3.55
C THR B 112 2.57 14.95 3.20
N LEU B 113 3.01 15.68 4.22
CA LEU B 113 3.58 17.01 4.04
C LEU B 113 5.06 17.02 4.39
N GLU B 114 5.84 17.75 3.60
CA GLU B 114 7.26 17.92 3.83
C GLU B 114 7.57 19.39 3.58
N GLN B 115 7.90 20.09 4.66
CA GLN B 115 8.06 21.55 4.63
C GLN B 115 6.87 22.24 3.98
N GLY B 116 5.67 21.73 4.28
CA GLY B 116 4.44 22.33 3.80
C GLY B 116 3.98 21.85 2.44
N GLU B 117 4.80 21.01 1.79
CA GLU B 117 4.48 20.56 0.44
C GLU B 117 3.93 19.13 0.42
N ARG B 118 2.91 18.89 -0.39
N ARG B 118 2.91 18.91 -0.39
CA ARG B 118 2.30 17.57 -0.48
CA ARG B 118 2.28 17.59 -0.50
C ARG B 118 3.22 16.54 -1.14
C ARG B 118 3.19 16.56 -1.18
N SER B 119 3.38 15.38 -0.51
N SER B 119 3.28 15.38 -0.56
CA SER B 119 4.06 14.25 -1.10
CA SER B 119 4.03 14.25 -1.10
C SER B 119 3.08 13.08 -1.17
C SER B 119 3.11 13.04 -1.14
N PHE B 120 3.18 12.27 -2.22
CA PHE B 120 2.27 11.13 -2.41
C PHE B 120 3.02 9.80 -2.36
N ALA B 121 2.47 8.83 -1.65
CA ALA B 121 2.97 7.47 -1.71
C ALA B 121 1.78 6.62 -2.11
N TYR B 122 1.99 5.59 -2.91
N TYR B 122 2.01 5.61 -2.96
CA TYR B 122 0.87 4.72 -3.23
CA TYR B 122 0.94 4.72 -3.44
C TYR B 122 1.23 3.26 -3.21
C TYR B 122 1.26 3.25 -3.19
N TRP B 123 0.22 2.44 -3.01
CA TRP B 123 0.37 0.99 -2.92
C TRP B 123 -0.78 0.40 -3.71
N ARG B 124 -0.50 -0.12 -4.89
CA ARG B 124 -1.59 -0.63 -5.71
C ARG B 124 -1.18 -1.81 -6.58
N GLY B 125 0.03 -2.30 -6.38
CA GLY B 125 0.57 -3.36 -7.24
C GLY B 125 -0.17 -4.69 -7.19
N GLN B 126 -0.98 -4.87 -6.14
CA GLN B 126 -1.71 -6.12 -5.91
C GLN B 126 -3.19 -5.87 -5.68
N SER B 127 -3.69 -4.68 -6.04
CA SER B 127 -5.07 -4.34 -5.74
C SER B 127 -6.07 -5.21 -6.50
N ALA B 128 -7.26 -5.35 -5.95
CA ALA B 128 -8.30 -6.17 -6.57
C ALA B 128 -8.69 -5.59 -7.92
N ALA B 129 -8.60 -4.28 -8.06
CA ALA B 129 -9.02 -3.59 -9.28
C ALA B 129 -8.25 -4.06 -10.51
N ARG B 130 -7.05 -4.60 -10.30
CA ARG B 130 -6.27 -5.10 -11.42
C ARG B 130 -6.95 -6.30 -12.08
N GLU B 131 -7.95 -6.88 -11.40
CA GLU B 131 -8.70 -8.00 -11.94
C GLU B 131 -10.00 -7.57 -12.61
N LEU B 132 -10.18 -6.29 -12.86
CA LEU B 132 -11.50 -5.81 -13.28
C LEU B 132 -11.92 -6.32 -14.66
N ALA B 133 -10.96 -6.81 -15.43
CA ALA B 133 -11.29 -7.34 -16.76
C ALA B 133 -11.17 -8.85 -16.81
N GLY B 134 -11.23 -9.50 -15.65
CA GLY B 134 -11.08 -10.94 -15.58
C GLY B 134 -12.31 -11.71 -16.05
N ASP B 135 -13.45 -11.03 -16.06
CA ASP B 135 -14.72 -11.65 -16.45
C ASP B 135 -15.28 -10.85 -17.61
N ALA B 136 -15.13 -11.38 -18.84
CA ALA B 136 -15.56 -10.64 -20.02
C ALA B 136 -17.07 -10.37 -20.05
N ASP B 137 -17.84 -11.33 -19.55
CA ASP B 137 -19.30 -11.23 -19.60
C ASP B 137 -19.81 -10.15 -18.64
N ALA B 138 -19.17 -10.04 -17.48
CA ALA B 138 -19.54 -9.02 -16.50
C ALA B 138 -19.26 -7.63 -17.09
N LEU B 139 -18.10 -7.49 -17.73
CA LEU B 139 -17.75 -6.25 -18.42
C LEU B 139 -18.79 -5.87 -19.46
N ALA B 140 -19.11 -6.81 -20.34
CA ALA B 140 -20.07 -6.56 -21.41
C ALA B 140 -21.42 -6.16 -20.84
N ALA B 141 -21.82 -6.83 -19.77
CA ALA B 141 -23.14 -6.58 -19.17
C ALA B 141 -23.22 -5.16 -18.59
N ALA B 142 -22.13 -4.71 -17.98
CA ALA B 142 -22.08 -3.37 -17.41
C ALA B 142 -22.21 -2.32 -18.49
N MET B 143 -21.65 -2.61 -19.67
CA MET B 143 -21.66 -1.65 -20.78
C MET B 143 -22.95 -1.65 -21.61
N ALA B 144 -23.69 -2.76 -21.53
CA ALA B 144 -24.77 -3.05 -22.48
C ALA B 144 -25.79 -1.93 -22.73
N ARG B 145 -26.20 -1.25 -21.67
CA ARG B 145 -27.20 -0.18 -21.80
C ARG B 145 -26.67 1.14 -21.23
N ALA B 146 -25.36 1.33 -21.32
CA ALA B 146 -24.75 2.59 -20.95
C ALA B 146 -24.82 3.53 -22.14
N ASP B 147 -25.19 4.78 -21.90
CA ASP B 147 -25.20 5.75 -22.98
C ASP B 147 -23.77 6.15 -23.31
N VAL B 148 -22.96 6.28 -22.26
CA VAL B 148 -21.54 6.56 -22.40
C VAL B 148 -20.76 5.60 -21.52
N VAL B 149 -19.67 5.06 -22.06
CA VAL B 149 -18.71 4.28 -21.29
C VAL B 149 -17.40 5.06 -21.27
N TYR B 150 -16.91 5.32 -20.07
CA TYR B 150 -15.72 6.16 -19.84
C TYR B 150 -14.63 5.33 -19.18
N PHE B 151 -13.39 5.51 -19.63
CA PHE B 151 -12.25 4.82 -19.03
C PHE B 151 -11.00 5.65 -19.24
N SER B 152 -9.92 5.28 -18.55
CA SER B 152 -8.71 6.09 -18.62
C SER B 152 -7.46 5.28 -18.91
N GLY B 153 -6.34 5.97 -19.11
CA GLY B 153 -5.06 5.31 -19.27
C GLY B 153 -4.61 4.62 -17.99
N ILE B 154 -5.12 5.04 -16.84
CA ILE B 154 -4.85 4.30 -15.62
C ILE B 154 -5.65 2.98 -15.65
N THR B 155 -6.88 3.03 -16.14
CA THR B 155 -7.65 1.80 -16.31
C THR B 155 -6.85 0.78 -17.12
N LEU B 156 -6.20 1.24 -18.19
CA LEU B 156 -5.40 0.33 -19.02
C LEU B 156 -4.12 -0.11 -18.31
N ALA B 157 -3.45 0.83 -17.64
CA ALA B 157 -2.14 0.56 -17.05
C ALA B 157 -2.16 -0.59 -16.05
N ILE B 158 -3.22 -0.66 -15.25
CA ILE B 158 -3.25 -1.60 -14.13
C ILE B 158 -3.58 -3.03 -14.56
N LEU B 159 -4.03 -3.20 -15.79
CA LEU B 159 -4.39 -4.53 -16.28
C LEU B 159 -3.21 -5.27 -16.90
N ASP B 160 -3.26 -6.60 -16.88
CA ASP B 160 -2.28 -7.37 -17.64
C ASP B 160 -2.67 -7.42 -19.12
N GLN B 161 -1.87 -8.10 -19.93
CA GLN B 161 -2.12 -8.12 -21.38
C GLN B 161 -3.49 -8.70 -21.73
N CYS B 162 -3.86 -9.80 -21.10
N CYS B 162 -3.86 -9.80 -21.09
CA CYS B 162 -5.16 -10.42 -21.33
CA CYS B 162 -5.15 -10.43 -21.31
C CYS B 162 -6.29 -9.50 -20.92
C CYS B 162 -6.29 -9.51 -20.91
N GLY B 163 -6.13 -8.84 -19.76
CA GLY B 163 -7.14 -7.90 -19.28
C GLY B 163 -7.29 -6.71 -20.20
N ARG B 164 -6.17 -6.18 -20.69
CA ARG B 164 -6.23 -5.07 -21.64
C ARG B 164 -6.95 -5.50 -22.90
N ALA B 165 -6.61 -6.68 -23.41
CA ALA B 165 -7.25 -7.18 -24.62
C ALA B 165 -8.76 -7.33 -24.42
N THR B 166 -9.14 -7.94 -23.30
CA THR B 166 -10.55 -8.14 -22.97
C THR B 166 -11.30 -6.83 -22.89
N LEU B 167 -10.72 -5.84 -22.21
CA LEU B 167 -11.37 -4.53 -22.09
C LEU B 167 -11.51 -3.82 -23.43
N LEU B 168 -10.44 -3.80 -24.22
CA LEU B 168 -10.47 -3.12 -25.51
C LEU B 168 -11.47 -3.80 -26.43
N ARG B 169 -11.55 -5.12 -26.34
CA ARG B 169 -12.50 -5.90 -27.12
C ARG B 169 -13.93 -5.51 -26.74
N ALA B 170 -14.20 -5.44 -25.43
CA ALA B 170 -15.54 -5.10 -24.96
C ALA B 170 -15.91 -3.67 -25.35
N LEU B 171 -14.95 -2.75 -25.23
CA LEU B 171 -15.18 -1.36 -25.63
C LEU B 171 -15.51 -1.23 -27.12
N ALA B 172 -14.74 -1.92 -27.96
CA ALA B 172 -15.01 -1.89 -29.40
C ALA B 172 -16.37 -2.47 -29.75
N GLN B 173 -16.76 -3.53 -29.06
N GLN B 173 -16.77 -3.53 -29.07
CA GLN B 173 -18.04 -4.16 -29.32
CA GLN B 173 -18.07 -4.16 -29.34
C GLN B 173 -19.20 -3.26 -28.89
C GLN B 173 -19.21 -3.27 -28.87
N ALA B 174 -19.03 -2.59 -27.75
CA ALA B 174 -20.03 -1.68 -27.23
C ALA B 174 -20.17 -0.49 -28.18
N ARG B 175 -19.04 0.03 -28.63
CA ARG B 175 -19.01 1.13 -29.60
C ARG B 175 -19.82 0.78 -30.84
N ALA B 176 -19.67 -0.46 -31.29
CA ALA B 176 -20.32 -0.90 -32.52
C ALA B 176 -21.84 -1.04 -32.39
N THR B 177 -22.33 -1.12 -31.16
CA THR B 177 -23.77 -1.24 -30.94
C THR B 177 -24.37 0.09 -30.54
N GLY B 178 -23.57 1.15 -30.62
CA GLY B 178 -24.09 2.51 -30.45
C GLY B 178 -23.71 3.21 -29.16
N ARG B 179 -23.02 2.51 -28.27
N ARG B 179 -23.05 2.51 -28.25
CA ARG B 179 -22.56 3.12 -27.02
CA ARG B 179 -22.61 3.12 -27.01
C ARG B 179 -21.47 4.12 -27.37
C ARG B 179 -21.45 4.07 -27.31
N THR B 180 -21.48 5.26 -26.69
CA THR B 180 -20.47 6.29 -26.94
C THR B 180 -19.30 6.04 -26.01
N ILE B 181 -18.10 5.93 -26.57
CA ILE B 181 -16.92 5.61 -25.77
C ILE B 181 -16.07 6.85 -25.54
N ALA B 182 -15.76 7.13 -24.27
CA ALA B 182 -14.96 8.30 -23.92
C ALA B 182 -13.70 7.86 -23.19
N PHE B 183 -12.57 8.47 -23.51
CA PHE B 183 -11.27 8.05 -23.01
C PHE B 183 -10.49 9.24 -22.48
N ASP B 184 -9.94 9.09 -21.28
N ASP B 184 -10.00 9.15 -21.25
CA ASP B 184 -9.00 10.06 -20.71
CA ASP B 184 -8.97 10.09 -20.78
C ASP B 184 -7.61 9.40 -20.63
C ASP B 184 -7.66 9.34 -20.72
N PRO B 185 -6.73 9.71 -21.58
CA PRO B 185 -5.42 9.04 -21.64
C PRO B 185 -4.66 9.02 -20.30
N ASN B 186 -4.74 10.11 -19.53
CA ASN B 186 -4.11 10.21 -18.21
C ASN B 186 -2.81 9.44 -18.02
N LEU B 187 -1.74 9.91 -18.66
CA LEU B 187 -0.43 9.25 -18.62
C LEU B 187 0.22 9.27 -17.23
N ARG B 188 0.47 8.08 -16.68
N ARG B 188 0.48 8.08 -16.69
CA ARG B 188 1.21 7.94 -15.43
CA ARG B 188 1.21 7.95 -15.44
C ARG B 188 2.34 6.94 -15.64
C ARG B 188 2.33 6.94 -15.64
N PRO B 189 3.50 7.42 -16.09
CA PRO B 189 4.63 6.55 -16.46
C PRO B 189 5.03 5.49 -15.43
N ARG B 190 4.93 5.79 -14.14
CA ARG B 190 5.34 4.84 -13.11
C ARG B 190 4.45 3.59 -13.05
N LEU B 191 3.25 3.68 -13.62
CA LEU B 191 2.31 2.57 -13.60
C LEU B 191 2.53 1.61 -14.76
N TRP B 192 3.46 1.97 -15.65
CA TRP B 192 3.75 1.17 -16.84
C TRP B 192 5.11 0.48 -16.77
N ALA B 193 5.20 -0.72 -17.34
CA ALA B 193 6.44 -1.50 -17.31
C ALA B 193 7.51 -0.90 -18.23
N GLY B 194 7.07 -0.09 -19.18
CA GLY B 194 7.99 0.56 -20.12
C GLY B 194 7.26 1.66 -20.87
N THR B 195 8.01 2.62 -21.39
CA THR B 195 7.41 3.75 -22.08
C THR B 195 6.85 3.33 -23.44
N GLY B 196 7.43 2.28 -24.00
CA GLY B 196 6.94 1.72 -25.25
C GLY B 196 5.57 1.10 -25.08
N GLU B 197 5.43 0.27 -24.04
CA GLU B 197 4.13 -0.31 -23.72
C GLU B 197 3.13 0.80 -23.42
N MET B 198 3.56 1.83 -22.70
CA MET B 198 2.67 2.96 -22.37
C MET B 198 2.10 3.67 -23.59
N THR B 199 2.95 4.21 -24.45
CA THR B 199 2.46 4.98 -25.60
C THR B 199 1.62 4.13 -26.55
N GLU B 200 2.08 2.91 -26.82
CA GLU B 200 1.36 2.01 -27.71
C GLU B 200 -0.01 1.64 -27.15
N THR B 201 -0.06 1.35 -25.85
CA THR B 201 -1.31 0.92 -25.23
C THR B 201 -2.30 2.09 -25.15
N ILE B 202 -1.79 3.28 -24.83
CA ILE B 202 -2.65 4.47 -24.84
C ILE B 202 -3.31 4.67 -26.20
N MET B 203 -2.56 4.49 -27.28
CA MET B 203 -3.12 4.68 -28.60
C MET B 203 -4.04 3.53 -29.01
N GLN B 204 -3.86 2.36 -28.39
CA GLN B 204 -4.86 1.30 -28.55
C GLN B 204 -6.17 1.71 -27.90
N GLY B 205 -6.07 2.40 -26.76
CA GLY B 205 -7.24 2.94 -26.09
C GLY B 205 -7.94 3.94 -26.98
N ALA B 206 -7.16 4.81 -27.61
CA ALA B 206 -7.70 5.81 -28.53
C ALA B 206 -8.47 5.18 -29.68
N ALA B 207 -8.01 4.01 -30.14
CA ALA B 207 -8.57 3.38 -31.32
C ALA B 207 -9.99 2.83 -31.13
N VAL B 208 -10.45 2.72 -29.88
CA VAL B 208 -11.81 2.25 -29.60
C VAL B 208 -12.70 3.37 -29.05
N SER B 209 -12.19 4.61 -29.08
CA SER B 209 -12.86 5.72 -28.42
C SER B 209 -13.41 6.76 -29.39
N ASP B 210 -14.63 7.21 -29.12
CA ASP B 210 -15.24 8.27 -29.91
C ASP B 210 -14.78 9.64 -29.44
N ILE B 211 -14.61 9.78 -28.13
CA ILE B 211 -14.19 11.02 -27.50
C ILE B 211 -12.89 10.77 -26.75
N ALA B 212 -11.89 11.65 -26.95
CA ALA B 212 -10.64 11.58 -26.19
C ALA B 212 -10.38 12.90 -25.50
N LEU B 213 -9.90 12.84 -24.27
CA LEU B 213 -9.68 14.04 -23.46
C LEU B 213 -8.23 14.12 -22.96
N PRO B 214 -7.27 14.24 -23.90
CA PRO B 214 -5.87 14.30 -23.48
C PRO B 214 -5.53 15.61 -22.79
N SER B 215 -4.45 15.59 -22.00
CA SER B 215 -3.89 16.83 -21.47
C SER B 215 -2.56 17.08 -22.16
N PHE B 216 -2.41 18.25 -22.78
CA PHE B 216 -1.16 18.59 -23.44
C PHE B 216 -0.01 18.56 -22.45
N GLU B 217 -0.24 19.12 -21.27
CA GLU B 217 0.84 19.21 -20.29
C GLU B 217 1.34 17.81 -19.89
N ASP B 218 0.40 16.88 -19.82
N ASP B 218 0.44 16.85 -19.79
CA ASP B 218 0.68 15.51 -19.38
CA ASP B 218 0.85 15.52 -19.35
C ASP B 218 1.33 14.65 -20.47
C ASP B 218 1.42 14.67 -20.49
N GLU B 219 1.03 14.96 -21.72
CA GLU B 219 1.39 14.07 -22.82
C GLU B 219 2.45 14.56 -23.78
N ALA B 220 2.64 15.88 -23.88
CA ALA B 220 3.45 16.44 -24.97
C ALA B 220 4.83 15.81 -25.10
N ALA B 221 5.57 15.75 -24.01
CA ALA B 221 6.95 15.27 -24.09
C ALA B 221 7.04 13.76 -24.40
N TRP B 222 6.02 13.01 -24.01
CA TRP B 222 6.02 11.56 -24.22
C TRP B 222 5.67 11.18 -25.66
N PHE B 223 4.85 11.98 -26.32
CA PHE B 223 4.48 11.71 -27.70
C PHE B 223 5.16 12.62 -28.72
N GLY B 224 5.91 13.61 -28.21
CA GLY B 224 6.56 14.57 -29.09
C GLY B 224 5.61 15.54 -29.75
N ASP B 225 4.53 15.90 -29.06
CA ASP B 225 3.53 16.83 -29.60
C ASP B 225 4.08 18.26 -29.59
N ALA B 226 4.12 18.92 -30.75
CA ALA B 226 4.66 20.27 -30.81
C ALA B 226 3.74 21.31 -30.16
N GLY B 227 2.46 20.98 -30.08
CA GLY B 227 1.46 21.87 -29.50
C GLY B 227 0.15 21.11 -29.36
N PRO B 228 -0.85 21.74 -28.73
CA PRO B 228 -2.16 21.08 -28.54
C PRO B 228 -2.79 20.62 -29.85
N ASP B 229 -2.60 21.34 -30.96
CA ASP B 229 -3.20 20.90 -32.22
C ASP B 229 -2.57 19.58 -32.70
N ALA B 230 -1.29 19.40 -32.41
CA ALA B 230 -0.60 18.14 -32.72
C ALA B 230 -1.13 17.02 -31.84
N THR B 231 -1.42 17.33 -30.58
CA THR B 231 -2.05 16.35 -29.70
C THR B 231 -3.37 15.89 -30.31
N ALA B 232 -4.19 16.85 -30.72
CA ALA B 232 -5.49 16.54 -31.29
C ALA B 232 -5.36 15.68 -32.55
N ASP B 233 -4.44 16.05 -33.44
CA ASP B 233 -4.20 15.31 -34.67
C ASP B 233 -3.86 13.85 -34.37
N ARG B 234 -3.07 13.65 -33.33
CA ARG B 234 -2.66 12.30 -32.95
C ARG B 234 -3.85 11.40 -32.61
N TYR B 235 -4.82 11.93 -31.87
CA TYR B 235 -6.02 11.16 -31.55
C TYR B 235 -6.95 10.99 -32.74
N ALA B 236 -7.05 12.03 -33.59
CA ALA B 236 -7.91 11.92 -34.76
C ALA B 236 -7.44 10.82 -35.71
N ARG B 237 -6.13 10.60 -35.81
N ARG B 237 -6.12 10.63 -35.79
CA ARG B 237 -5.61 9.59 -36.72
CA ARG B 237 -5.54 9.62 -36.68
C ARG B 237 -5.93 8.19 -36.22
C ARG B 237 -5.92 8.22 -36.23
N ALA B 238 -6.24 8.08 -34.94
CA ALA B 238 -6.62 6.80 -34.37
C ALA B 238 -8.14 6.59 -34.46
N GLY B 239 -8.82 7.56 -35.08
CA GLY B 239 -10.25 7.44 -35.30
C GLY B 239 -11.15 8.16 -34.32
N VAL B 240 -10.55 8.85 -33.34
CA VAL B 240 -11.33 9.62 -32.38
C VAL B 240 -12.09 10.74 -33.11
N ARG B 241 -13.40 10.80 -32.90
CA ARG B 241 -14.24 11.76 -33.59
C ARG B 241 -14.19 13.13 -32.94
N SER B 242 -14.05 13.15 -31.61
CA SER B 242 -14.05 14.40 -30.87
C SER B 242 -12.88 14.42 -29.91
N VAL B 243 -11.88 15.22 -30.22
CA VAL B 243 -10.71 15.34 -29.35
C VAL B 243 -10.74 16.70 -28.64
N VAL B 244 -10.64 16.68 -27.32
CA VAL B 244 -10.69 17.92 -26.54
C VAL B 244 -9.40 17.98 -25.74
N VAL B 245 -8.52 18.94 -26.05
CA VAL B 245 -7.19 18.97 -25.42
C VAL B 245 -7.10 19.96 -24.27
N LYS B 246 -6.96 19.43 -23.05
CA LYS B 246 -6.77 20.27 -21.88
C LYS B 246 -5.35 20.80 -21.89
N ASN B 247 -5.18 22.06 -21.47
CA ASN B 247 -3.82 22.58 -21.38
C ASN B 247 -3.69 23.57 -20.23
N GLY B 248 -4.00 23.11 -19.01
CA GLY B 248 -3.84 23.95 -17.83
C GLY B 248 -4.70 25.18 -17.93
N PRO B 249 -4.14 26.36 -17.69
CA PRO B 249 -4.90 27.61 -17.75
C PRO B 249 -5.04 28.15 -19.16
N HIS B 250 -4.49 27.44 -20.15
CA HIS B 250 -4.49 27.95 -21.52
C HIS B 250 -5.74 27.48 -22.27
N ALA B 251 -5.98 28.06 -23.45
CA ALA B 251 -7.19 27.76 -24.20
C ALA B 251 -7.30 26.27 -24.53
N VAL B 252 -8.52 25.76 -24.49
CA VAL B 252 -8.75 24.36 -24.82
C VAL B 252 -8.91 24.23 -26.32
N HIS B 253 -7.99 23.51 -26.96
CA HIS B 253 -8.10 23.25 -28.39
C HIS B 253 -8.95 22.01 -28.60
N PHE B 254 -9.77 22.01 -29.65
CA PHE B 254 -10.49 20.79 -30.00
C PHE B 254 -10.39 20.47 -31.48
N LEU B 255 -10.77 19.25 -31.82
CA LEU B 255 -10.78 18.83 -33.22
C LEU B 255 -11.91 17.81 -33.36
N GLN B 256 -12.87 18.12 -34.21
CA GLN B 256 -14.00 17.20 -34.39
C GLN B 256 -14.33 17.06 -35.86
N ASP B 257 -14.21 15.83 -36.37
CA ASP B 257 -14.44 15.51 -37.78
C ASP B 257 -13.76 16.50 -38.73
N GLY B 258 -12.49 16.78 -38.45
CA GLY B 258 -11.69 17.63 -39.32
C GLY B 258 -11.77 19.12 -39.05
N ARG B 259 -12.63 19.53 -38.13
CA ARG B 259 -12.81 20.94 -37.79
C ARG B 259 -12.16 21.29 -36.45
N ARG B 260 -11.32 22.33 -36.45
CA ARG B 260 -10.64 22.76 -35.21
C ARG B 260 -11.34 23.93 -34.56
N GLY B 261 -11.08 24.11 -33.27
CA GLY B 261 -11.56 25.27 -32.57
C GLY B 261 -10.83 25.47 -31.27
N ARG B 262 -11.05 26.63 -30.64
N ARG B 262 -11.06 26.62 -30.63
CA ARG B 262 -10.47 26.93 -29.34
CA ARG B 262 -10.46 26.94 -29.34
C ARG B 262 -11.56 27.46 -28.42
C ARG B 262 -11.55 27.46 -28.41
N VAL B 263 -11.43 27.15 -27.12
CA VAL B 263 -12.38 27.64 -26.14
C VAL B 263 -11.58 28.26 -25.00
N PRO B 264 -11.79 29.56 -24.74
CA PRO B 264 -11.05 30.26 -23.69
C PRO B 264 -11.28 29.62 -22.33
N VAL B 265 -10.26 29.66 -21.48
CA VAL B 265 -10.41 29.28 -20.08
C VAL B 265 -10.25 30.55 -19.25
N PRO B 266 -11.31 30.96 -18.56
CA PRO B 266 -11.25 32.20 -17.77
C PRO B 266 -10.31 32.02 -16.57
N PRO B 267 -9.50 33.03 -16.26
CA PRO B 267 -8.56 32.93 -15.13
C PRO B 267 -9.22 32.55 -13.81
N VAL B 268 -8.45 31.85 -13.00
CA VAL B 268 -8.89 31.38 -11.69
C VAL B 268 -8.39 32.33 -10.60
N ALA B 269 -9.34 32.82 -9.79
CA ALA B 269 -9.06 33.79 -8.73
C ALA B 269 -7.86 33.44 -7.87
N GLN B 270 -7.89 32.24 -7.32
CA GLN B 270 -6.89 31.76 -6.37
C GLN B 270 -6.75 30.24 -6.50
N VAL B 271 -5.62 29.79 -7.04
CA VAL B 271 -5.40 28.35 -7.21
C VAL B 271 -5.01 27.69 -5.88
N VAL B 272 -5.89 26.83 -5.38
CA VAL B 272 -5.71 26.21 -4.07
C VAL B 272 -5.14 24.79 -4.17
N ASP B 273 -5.66 24.02 -5.13
CA ASP B 273 -5.32 22.60 -5.26
C ASP B 273 -5.86 22.10 -6.59
N THR B 274 -4.96 21.66 -7.47
CA THR B 274 -5.32 21.23 -8.81
C THR B 274 -5.67 19.75 -8.90
N THR B 275 -5.65 19.07 -7.75
CA THR B 275 -6.05 17.66 -7.71
C THR B 275 -7.41 17.48 -8.36
N ALA B 276 -7.48 16.51 -9.26
CA ALA B 276 -8.73 16.14 -9.95
C ALA B 276 -9.32 17.24 -10.83
N ALA B 277 -8.54 18.26 -11.16
CA ALA B 277 -9.02 19.29 -12.08
C ALA B 277 -9.37 18.67 -13.42
N GLY B 278 -8.49 17.81 -13.92
CA GLY B 278 -8.76 17.07 -15.15
C GLY B 278 -9.96 16.13 -15.04
N ASP B 279 -10.05 15.40 -13.94
CA ASP B 279 -11.18 14.48 -13.72
C ASP B 279 -12.50 15.23 -13.74
N SER B 280 -12.52 16.41 -13.11
CA SER B 280 -13.74 17.19 -13.03
C SER B 280 -14.07 17.85 -14.36
N PHE B 281 -13.05 18.32 -15.08
CA PHE B 281 -13.25 18.80 -16.45
C PHE B 281 -13.98 17.73 -17.26
N ASN B 282 -13.50 16.49 -17.15
CA ASN B 282 -14.08 15.40 -17.94
C ASN B 282 -15.53 15.16 -17.55
N ALA B 283 -15.80 15.20 -16.26
CA ALA B 283 -17.18 15.08 -15.79
C ALA B 283 -18.07 16.19 -16.34
N GLY B 284 -17.59 17.43 -16.31
CA GLY B 284 -18.35 18.57 -16.81
C GLY B 284 -18.62 18.43 -18.30
N LEU B 285 -17.61 17.98 -19.04
CA LEU B 285 -17.75 17.79 -20.47
C LEU B 285 -18.77 16.69 -20.80
N LEU B 286 -18.64 15.53 -20.16
CA LEU B 286 -19.55 14.41 -20.44
C LEU B 286 -20.98 14.69 -20.02
N ASP B 287 -21.14 15.43 -18.92
CA ASP B 287 -22.47 15.82 -18.45
C ASP B 287 -23.21 16.64 -19.51
N SER B 288 -22.48 17.61 -20.08
CA SER B 288 -23.04 18.49 -21.10
C SER B 288 -23.26 17.76 -22.42
N VAL B 289 -22.34 16.88 -22.80
CA VAL B 289 -22.52 16.08 -24.01
C VAL B 289 -23.75 15.19 -23.91
N LEU B 290 -23.90 14.54 -22.76
CA LEU B 290 -25.05 13.69 -22.48
C LEU B 290 -26.35 14.49 -22.58
N ALA B 291 -26.29 15.77 -22.23
CA ALA B 291 -27.47 16.64 -22.29
C ALA B 291 -27.73 17.17 -23.70
N GLY B 292 -26.92 16.71 -24.66
CA GLY B 292 -27.12 17.07 -26.05
C GLY B 292 -26.64 18.46 -26.44
N GLN B 293 -25.74 19.03 -25.64
CA GLN B 293 -25.21 20.36 -25.95
C GLN B 293 -24.07 20.28 -26.95
N PRO B 294 -23.91 21.33 -27.78
CA PRO B 294 -22.82 21.34 -28.75
C PRO B 294 -21.47 21.26 -28.07
N LEU B 295 -20.46 20.76 -28.79
CA LEU B 295 -19.16 20.49 -28.16
C LEU B 295 -18.55 21.74 -27.51
N GLU B 296 -18.63 22.89 -28.19
CA GLU B 296 -18.07 24.12 -27.64
C GLU B 296 -18.75 24.51 -26.32
N THR B 297 -20.05 24.28 -26.25
CA THR B 297 -20.80 24.54 -25.02
C THR B 297 -20.34 23.62 -23.90
N ALA B 298 -20.15 22.35 -24.24
CA ALA B 298 -19.70 21.34 -23.28
C ALA B 298 -18.31 21.66 -22.76
N ILE B 299 -17.46 22.19 -23.65
CA ILE B 299 -16.10 22.53 -23.25
C ILE B 299 -16.09 23.70 -22.26
N ALA B 300 -16.88 24.74 -22.54
CA ALA B 300 -17.03 25.87 -21.63
C ALA B 300 -17.48 25.40 -20.24
N ALA B 301 -18.47 24.51 -20.21
CA ALA B 301 -18.97 23.96 -18.95
C ALA B 301 -17.91 23.15 -18.22
N ALA B 302 -17.14 22.39 -18.99
CA ALA B 302 -16.05 21.59 -18.40
C ALA B 302 -15.00 22.50 -17.77
N ALA B 303 -14.61 23.53 -18.49
CA ALA B 303 -13.62 24.49 -17.98
C ALA B 303 -14.14 25.24 -16.75
N ALA B 304 -15.44 25.51 -16.72
CA ALA B 304 -16.02 26.24 -15.59
C ALA B 304 -16.00 25.41 -14.30
N LEU B 305 -16.34 24.13 -14.41
CA LEU B 305 -16.28 23.22 -13.26
C LEU B 305 -14.84 23.04 -12.79
N ALA B 306 -13.95 22.73 -13.74
CA ALA B 306 -12.53 22.54 -13.42
C ALA B 306 -11.96 23.74 -12.68
N GLY B 307 -12.37 24.94 -13.09
CA GLY B 307 -11.92 26.16 -12.44
C GLY B 307 -12.31 26.21 -10.98
N GLN B 308 -13.51 25.71 -10.67
N GLN B 308 -13.51 25.71 -10.68
CA GLN B 308 -13.99 25.69 -9.29
CA GLN B 308 -14.00 25.69 -9.30
C GLN B 308 -13.28 24.63 -8.46
C GLN B 308 -13.30 24.62 -8.46
N VAL B 309 -12.95 23.51 -9.10
CA VAL B 309 -12.22 22.45 -8.41
C VAL B 309 -10.79 22.91 -8.06
N VAL B 310 -10.16 23.64 -8.98
CA VAL B 310 -8.83 24.22 -8.76
C VAL B 310 -8.83 25.18 -7.57
N GLN B 311 -9.99 25.82 -7.35
CA GLN B 311 -10.10 26.78 -6.26
C GLN B 311 -10.45 26.09 -4.95
N GLY B 312 -10.66 24.78 -5.02
CA GLY B 312 -11.07 24.03 -3.84
C GLY B 312 -10.06 22.99 -3.40
N LYS B 313 -10.13 22.61 -2.13
CA LYS B 313 -9.20 21.65 -1.56
C LYS B 313 -9.69 20.20 -1.68
N GLY B 314 -8.79 19.32 -2.11
CA GLY B 314 -9.08 17.89 -2.12
C GLY B 314 -9.54 17.39 -3.49
N ALA B 315 -9.50 16.08 -3.68
CA ALA B 315 -9.93 15.49 -4.94
C ALA B 315 -11.40 15.72 -5.22
N LEU B 316 -12.20 15.70 -4.17
CA LEU B 316 -13.65 15.80 -4.34
C LEU B 316 -14.17 17.11 -3.78
N VAL B 317 -14.28 18.11 -4.65
CA VAL B 317 -14.71 19.45 -4.22
C VAL B 317 -16.23 19.59 -4.39
N GLU B 318 -16.91 19.95 -3.31
CA GLU B 318 -18.36 20.14 -3.38
C GLU B 318 -18.66 21.48 -4.05
N VAL B 319 -19.05 21.39 -5.31
CA VAL B 319 -19.39 22.55 -6.11
C VAL B 319 -20.89 22.52 -6.38
N PRO B 320 -21.59 23.61 -6.04
CA PRO B 320 -23.04 23.64 -6.35
C PRO B 320 -23.27 23.76 -7.85
CL CL C . 21.28 -19.88 31.76
CL CL D . -0.29 -14.78 7.77
CL CL E . 40.89 3.41 20.13
CL CL F . 8.39 -18.09 -0.65
C1 EDO G . 2.27 -20.88 2.39
O1 EDO G . 1.78 -21.76 1.37
C2 EDO G . 1.58 -21.25 3.69
O2 EDO G . 0.16 -21.01 3.57
C1 EDO H . 2.83 -29.87 5.29
O1 EDO H . 3.85 -30.78 5.73
C2 EDO H . 2.66 -28.78 6.33
O2 EDO H . 3.91 -28.09 6.50
C1 GOL I . 0.90 -9.03 7.42
O1 GOL I . 1.87 -8.47 6.58
C2 GOL I . 1.36 -10.42 7.79
O2 GOL I . 1.20 -10.60 9.18
C3 GOL I . 0.49 -11.44 7.06
O3 GOL I . -0.66 -11.70 7.84
CL CL J . -5.67 9.43 -9.54
CL CL K . 3.66 8.31 -12.81
C1 EDO L . -7.99 22.25 -17.93
O1 EDO L . -9.08 23.07 -18.36
C2 EDO L . -8.41 21.41 -16.73
O2 EDO L . -7.31 20.59 -16.31
C1 GOL M . 4.03 13.69 -17.86
O1 GOL M . 3.11 12.70 -17.46
C2 GOL M . 4.96 14.09 -16.72
O2 GOL M . 6.05 13.19 -16.67
C3 GOL M . 5.48 15.49 -17.04
O3 GOL M . 4.40 16.38 -17.23
#